data_5WFC
#
_entry.id   5WFC
#
_cell.length_a   117.587
_cell.length_b   137.794
_cell.length_c   222.332
_cell.angle_alpha   90.00
_cell.angle_beta   90.00
_cell.angle_gamma   90.00
#
_symmetry.space_group_name_H-M   'C 2 2 21'
#
loop_
_entity.id
_entity.type
_entity.pdbx_description
1 polymer 'Polycomb Protein EED'
2 polymer 'Histone-lysine-N-methyltransferase EZH2, Polycomb protein SUZ12 chimera'
3 polymer 'Histone H3.1'
4 non-polymer 'ZINC ION'
5 non-polymer N-[(6-methyl-2-oxo-4-propyl-1,2-dihydropyridin-3-yl)methyl]-6-[2-(4-methylpiperazin-1-yl)pyridin-4-yl]-1-(propan-2-yl)-1H-indazole-4-carboxamide
6 water water
#
loop_
_entity_poly.entity_id
_entity_poly.type
_entity_poly.pdbx_seq_one_letter_code
_entity_poly.pdbx_strand_id
1 'polypeptide(L)'
;MASAWSHPQFEKGGGSGGGSGGSAWSHPQFEKLEVLFQGPMPASDSAEWELPRLRTSFIFQDDYKYLGDDGSVSQDLAEF
FDVKFYPYSPPGAPPVFAATSKKHAVICRLTQTTDKDANPCEIIQLIRDDGNEANCASCWSKDPITDQPLLCIAGNEGNV
KVYNVTEGKLYRTLVGHGGGINDLATSPANPYIIASASDDTTIRIWSLAPEHEKQPCVCILGGEGHSYDLLSVAFHDNGR
YVLSAGHDQVINLWALPEFPNEHMEIPIVIYYPHFSSSEIHNNLVDCVAFYGDLILSRACHEDTIVLWRIEGFSSDDPIP
GPLDAPTPTDMTKQTRSYFTPTVSPQSRPAMFTRLAQFHTPDCGVQFFMRFRMYHVPGKHPILAFANAKSKTFFWDLARF
GEYARFMADLKEAQQSYNGRVVVVDQGQGISLAQAQQVHGPGVGVVMKPAWLVPKRVKKAPGAAGSGSGTAANGGHNNNN
NNNNNNNNNNHETGSQRSFSATNNLSNSGRDKESASMVSASPDPDSPFGFSRETLQAWADMYDLSNPVGLIKAHRSLAID
GAFVGRQVGWSPEGEWCVVVGNGNRALIYQRWGKERGLGSGTPGA
;
A
2 'polypeptide(L)'
;SNHHHHHHATPKNTEWTVDKIASALSVLAEEVPQNHSRLVNFLLEETEKRAPQPRHLSKTDPFAHMKSKAIDANRPRPEG
VPTMDVKFKQHSGEYGKSRNSGRRFQYPVVCIKPDREPVPIYYFHHAEIRKNILALNSQLNFVPHLRDVDPNSAEEQKYS
AWLMDLENLDSKSGFKIQPRSQKIAKRAQAEYAATLAPYLEPWLRKLNIEGCTKSNLIRFMASQPESDDSMTPQQKSNLL
DTYSDDMGSPQAVRNASMFTEAWDRVFNDQSKLRRVALRDILMLDKNVEPIFDNKRAKDAPGSQKPPDEALMQKVIDALG
SYTTLGCLICFSHDCEHGEIERDNQKRCFSLEEIGGLMPSLRRKWAAQIEQRQKTEGGSANAPPAHPPCRNECYRIHGTG
DPNQQVPPWSENEVGTLEWMFATIGYSQTLRPECFVGAILGRPCWDVHRKLQELDLRLPPVEPRTIPKQKSLPWYDRRKK
QLMSDWADATITHEHAVRELFAPCHHDGPCTAANGCPCASAGTHPVLCERFCLCTAEECPLKFTGCACHSSGKTCLQRQR
EGRPCICVQLNRECDPTLCKGCGARERADPENAYDEVLHSTGCQNVALQRGAAKAVVLGKSQLEACGYGLFAAEDIEEGE
FVIEYTGELISHDEGVRREHRRGDVFDKYMCSFLFTLLEQEGIWVDAAIYGNLSRYINHATDGNIMPKIMYVNHEWRIKF
TAIKDIKAGEELFFNYGDNFPNLTKKLVERNEQSGAETTPQQPKRANGLVPRGSEVMLPGRGVPKKPLRRPKRRPLLVPK
TTQPLFDPLSKVQLLPGQPLPQHPIDDSWLLLKHRDNLQDFIDLRPEEKEFLQEWDAFILRRHISSEQYLPRYFLRFVRE
KADWLVSKRSRGEEFSKLVATLLARRVLPERVVIEATQVLNDARGRLREQGGVIEG
;
B
3 'polypeptide(L)' TKAAR(M3L)SAPAT D
#
loop_
_chem_comp.id
_chem_comp.type
_chem_comp.name
_chem_comp.formula
A97 non-polymer N-[(6-methyl-2-oxo-4-propyl-1,2-dihydropyridin-3-yl)methyl]-6-[2-(4-methylpiperazin-1-yl)pyridin-4-yl]-1-(propan-2-yl)-1H-indazole-4-carboxamide 'C31 H39 N7 O2'
ZN non-polymer 'ZINC ION' 'Zn 2'
#
# COMPACT_ATOMS: atom_id res chain seq x y z
N ALA A 47 24.89 26.18 -30.95
CA ALA A 47 24.60 24.76 -31.22
C ALA A 47 23.80 24.11 -30.11
N GLU A 48 24.17 24.38 -28.86
CA GLU A 48 23.58 23.69 -27.73
C GLU A 48 22.08 23.97 -27.59
N TRP A 49 21.58 25.03 -28.22
CA TRP A 49 20.16 25.39 -28.17
C TRP A 49 19.34 24.84 -29.34
N GLU A 50 19.94 24.06 -30.24
CA GLU A 50 19.18 23.48 -31.34
C GLU A 50 18.14 22.48 -30.85
N LEU A 51 16.97 22.49 -31.48
CA LEU A 51 15.90 21.53 -31.29
C LEU A 51 15.72 20.69 -32.55
N PRO A 52 15.11 19.52 -32.45
CA PRO A 52 15.04 18.63 -33.62
C PRO A 52 14.08 19.13 -34.71
N ARG A 53 14.30 18.62 -35.92
CA ARG A 53 13.35 18.79 -37.03
C ARG A 53 13.17 17.44 -37.73
N LEU A 54 12.01 17.30 -38.37
CA LEU A 54 11.65 16.05 -39.03
C LEU A 54 12.65 15.75 -40.15
N ARG A 55 13.19 14.54 -40.13
CA ARG A 55 14.19 14.14 -41.11
C ARG A 55 13.77 12.93 -41.93
N THR A 56 13.16 11.93 -41.29
CA THR A 56 12.77 10.68 -41.93
C THR A 56 11.48 10.18 -41.30
N SER A 57 10.67 9.48 -42.08
CA SER A 57 9.50 8.81 -41.53
C SER A 57 9.29 7.52 -42.30
N PHE A 58 8.67 6.55 -41.64
CA PHE A 58 8.34 5.35 -42.39
C PHE A 58 7.04 4.76 -41.88
N ILE A 59 6.44 3.94 -42.73
CA ILE A 59 5.28 3.15 -42.37
C ILE A 59 5.67 1.69 -42.52
N PHE A 60 5.46 0.92 -41.46
CA PHE A 60 5.68 -0.52 -41.47
C PHE A 60 4.38 -1.21 -41.84
N GLN A 61 4.47 -2.24 -42.69
CA GLN A 61 3.26 -2.87 -43.21
C GLN A 61 2.32 -3.30 -42.07
N ASP A 62 1.03 -3.10 -42.30
CA ASP A 62 0.02 -3.46 -41.31
C ASP A 62 0.14 -4.93 -40.92
N ASP A 63 0.28 -5.19 -39.61
CA ASP A 63 0.49 -6.56 -39.14
C ASP A 63 -0.56 -7.03 -38.13
N TYR A 64 -1.71 -6.37 -38.08
CA TYR A 64 -2.81 -6.78 -37.18
C TYR A 64 -4.14 -6.74 -37.92
N LYS A 65 -4.18 -7.38 -39.08
CA LYS A 65 -5.33 -7.36 -39.98
C LYS A 65 -6.35 -8.43 -39.61
N SER A 74 -10.06 -5.58 -41.75
CA SER A 74 -9.38 -4.40 -41.20
C SER A 74 -7.96 -4.26 -41.76
N GLN A 75 -7.64 -3.07 -42.28
CA GLN A 75 -6.39 -2.87 -43.01
C GLN A 75 -5.49 -1.77 -42.45
N ASP A 76 -5.93 -0.97 -41.47
CA ASP A 76 -4.97 -0.13 -40.72
C ASP A 76 -5.54 0.21 -39.33
N LEU A 77 -5.36 -0.74 -38.39
CA LEU A 77 -5.55 -0.53 -36.96
C LEU A 77 -4.37 -1.10 -36.16
N ALA A 78 -3.28 -1.42 -36.85
CA ALA A 78 -2.02 -1.75 -36.22
C ALA A 78 -1.31 -0.49 -35.77
N GLU A 79 -0.53 -0.60 -34.70
CA GLU A 79 0.26 0.53 -34.24
C GLU A 79 1.61 0.09 -33.68
N PHE A 80 2.57 1.00 -33.74
CA PHE A 80 3.76 0.90 -32.90
C PHE A 80 3.40 1.38 -31.51
N PHE A 81 3.57 0.53 -30.50
CA PHE A 81 3.30 0.95 -29.13
C PHE A 81 4.53 1.39 -28.35
N ASP A 82 5.73 0.98 -28.77
CA ASP A 82 6.94 1.32 -28.02
C ASP A 82 8.10 1.52 -28.98
N VAL A 83 9.06 2.34 -28.53
CA VAL A 83 10.36 2.48 -29.17
C VAL A 83 11.38 2.70 -28.06
N LYS A 84 12.56 2.06 -28.18
CA LYS A 84 13.63 2.23 -27.21
C LYS A 84 14.97 2.09 -27.90
N PHE A 85 15.83 3.10 -27.70
CA PHE A 85 17.21 3.04 -28.18
C PHE A 85 18.05 2.13 -27.28
N TYR A 86 18.93 1.36 -27.90
CA TYR A 86 19.85 0.50 -27.14
C TYR A 86 20.77 1.37 -26.28
N PRO A 87 20.89 1.11 -24.98
CA PRO A 87 21.69 1.98 -24.10
C PRO A 87 23.09 1.49 -23.73
N TYR A 88 23.56 0.36 -24.25
CA TYR A 88 24.84 -0.19 -23.79
C TYR A 88 25.91 -0.17 -24.87
N SER A 89 25.76 0.69 -25.87
CA SER A 89 26.79 0.70 -26.90
C SER A 89 27.93 1.64 -26.48
N PRO A 90 29.14 1.41 -26.98
CA PRO A 90 30.24 2.31 -26.63
C PRO A 90 29.95 3.72 -27.10
N PRO A 91 30.54 4.72 -26.45
CA PRO A 91 30.26 6.11 -26.85
C PRO A 91 30.69 6.37 -28.29
N GLY A 92 29.80 7.02 -29.04
CA GLY A 92 30.04 7.27 -30.46
C GLY A 92 29.48 6.23 -31.42
N ALA A 93 29.12 5.03 -30.95
CA ALA A 93 28.63 4.01 -31.88
C ALA A 93 27.34 4.47 -32.54
N PRO A 94 27.05 4.00 -33.76
CA PRO A 94 25.78 4.35 -34.42
C PRO A 94 24.60 3.95 -33.55
N PRO A 95 23.65 4.84 -33.34
CA PRO A 95 22.53 4.52 -32.43
C PRO A 95 21.54 3.56 -33.08
N VAL A 96 21.03 2.64 -32.25
CA VAL A 96 20.13 1.59 -32.70
C VAL A 96 18.91 1.61 -31.80
N PHE A 97 17.72 1.53 -32.40
CA PHE A 97 16.49 1.45 -31.65
C PHE A 97 15.66 0.27 -32.13
N ALA A 98 14.78 -0.20 -31.25
CA ALA A 98 13.75 -1.17 -31.58
C ALA A 98 12.38 -0.51 -31.49
N ALA A 99 11.58 -0.67 -32.53
CA ALA A 99 10.19 -0.25 -32.53
C ALA A 99 9.31 -1.49 -32.47
N THR A 100 8.38 -1.49 -31.54
CA THR A 100 7.61 -2.69 -31.20
C THR A 100 6.19 -2.45 -31.69
N SER A 101 5.75 -3.24 -32.67
CA SER A 101 4.37 -3.25 -33.10
C SER A 101 3.63 -4.35 -32.34
N LYS A 102 2.39 -4.61 -32.72
CA LYS A 102 1.65 -5.66 -32.01
C LYS A 102 2.27 -7.03 -32.22
N LYS A 103 2.87 -7.28 -33.40
CA LYS A 103 3.45 -8.60 -33.69
C LYS A 103 4.93 -8.60 -34.02
N HIS A 104 5.57 -7.45 -34.17
CA HIS A 104 6.92 -7.41 -34.70
C HIS A 104 7.81 -6.49 -33.88
N ALA A 105 9.11 -6.80 -33.86
CA ALA A 105 10.12 -5.89 -33.33
C ALA A 105 10.97 -5.47 -34.51
N VAL A 106 11.02 -4.16 -34.77
CA VAL A 106 11.71 -3.59 -35.92
C VAL A 106 12.96 -2.88 -35.41
N ILE A 107 14.14 -3.32 -35.85
CA ILE A 107 15.40 -2.86 -35.28
C ILE A 107 16.19 -2.08 -36.34
N CYS A 108 16.48 -0.81 -36.04
CA CYS A 108 17.07 0.11 -37.00
C CYS A 108 18.33 0.76 -36.44
N ARG A 109 19.32 0.93 -37.31
CA ARG A 109 20.46 1.77 -37.02
C ARG A 109 20.26 3.10 -37.76
N LEU A 110 20.62 4.20 -37.09
CA LEU A 110 20.57 5.53 -37.66
C LEU A 110 21.99 6.02 -37.86
N THR A 111 22.25 6.58 -39.05
CA THR A 111 23.57 7.09 -39.43
C THR A 111 23.36 8.46 -40.05
N GLN A 112 24.14 9.45 -39.62
CA GLN A 112 23.97 10.79 -40.15
C GLN A 112 24.51 10.86 -41.58
N THR A 113 23.87 11.68 -42.40
CA THR A 113 24.15 11.74 -43.82
C THR A 113 24.54 13.16 -44.21
N THR A 114 25.42 13.28 -45.22
CA THR A 114 25.64 14.56 -45.88
C THR A 114 24.64 14.83 -46.98
N ASP A 115 23.94 13.80 -47.44
CA ASP A 115 22.97 13.88 -48.52
C ASP A 115 21.57 14.02 -47.92
N LYS A 116 20.94 15.18 -48.14
CA LYS A 116 19.57 15.41 -47.68
C LYS A 116 18.61 14.35 -48.21
N ASP A 117 18.88 13.79 -49.39
CA ASP A 117 17.98 12.81 -49.99
C ASP A 117 18.29 11.37 -49.60
N ALA A 118 19.42 11.09 -48.95
CA ALA A 118 19.75 9.74 -48.54
C ALA A 118 18.94 9.36 -47.30
N ASN A 119 18.76 8.04 -47.12
CA ASN A 119 18.01 7.53 -45.99
C ASN A 119 18.95 7.22 -44.82
N PRO A 120 18.82 7.89 -43.68
CA PRO A 120 19.70 7.58 -42.54
C PRO A 120 19.31 6.33 -41.80
N CYS A 121 18.08 5.85 -41.97
CA CYS A 121 17.57 4.68 -41.24
C CYS A 121 17.82 3.43 -42.07
N GLU A 122 18.36 2.40 -41.44
CA GLU A 122 18.45 1.12 -42.11
C GLU A 122 18.02 0.03 -41.14
N ILE A 123 17.24 -0.92 -41.64
CA ILE A 123 16.62 -1.94 -40.82
C ILE A 123 17.53 -3.16 -40.84
N ILE A 124 18.08 -3.51 -39.68
CA ILE A 124 19.08 -4.57 -39.57
C ILE A 124 18.53 -5.84 -38.96
N GLN A 125 17.34 -5.80 -38.34
CA GLN A 125 16.77 -7.03 -37.84
C GLN A 125 15.25 -6.83 -37.76
N LEU A 126 14.50 -7.87 -38.06
CA LEU A 126 13.05 -7.81 -38.07
C LEU A 126 12.55 -9.12 -37.48
N ILE A 127 11.94 -9.07 -36.30
CA ILE A 127 11.53 -10.26 -35.59
C ILE A 127 10.02 -10.26 -35.44
N ARG A 128 9.40 -11.41 -35.67
CA ARG A 128 7.98 -11.61 -35.45
C ARG A 128 7.78 -12.47 -34.21
N ASP A 129 6.86 -12.06 -33.35
CA ASP A 129 6.39 -12.93 -32.28
C ASP A 129 5.47 -13.99 -32.88
N ASP A 130 6.03 -15.22 -33.07
CA ASP A 130 5.31 -16.29 -33.74
C ASP A 130 4.27 -16.97 -32.86
N GLY A 131 4.00 -16.42 -31.66
CA GLY A 131 2.91 -16.90 -30.82
C GLY A 131 1.60 -16.21 -31.10
N ASN A 132 0.71 -16.26 -30.12
CA ASN A 132 -0.63 -15.66 -30.23
C ASN A 132 -0.72 -14.29 -29.57
N GLU A 133 0.31 -13.88 -28.83
CA GLU A 133 0.28 -12.63 -28.07
C GLU A 133 0.29 -11.41 -29.00
N ALA A 134 -0.45 -10.36 -28.61
CA ALA A 134 -0.27 -9.01 -29.13
C ALA A 134 0.55 -8.19 -28.14
N ASN A 135 1.62 -7.57 -28.61
CA ASN A 135 2.59 -6.92 -27.74
C ASN A 135 2.44 -5.40 -27.68
N CYS A 136 2.93 -4.85 -26.58
CA CYS A 136 2.92 -3.39 -26.46
C CYS A 136 4.03 -2.83 -25.56
N ALA A 137 4.97 -3.63 -25.09
CA ALA A 137 6.00 -3.11 -24.19
C ALA A 137 7.35 -3.73 -24.54
N SER A 138 8.41 -2.97 -24.32
CA SER A 138 9.75 -3.45 -24.62
C SER A 138 10.77 -2.80 -23.69
N CYS A 139 11.89 -3.50 -23.48
CA CYS A 139 13.07 -2.89 -22.87
C CYS A 139 14.29 -3.71 -23.26
N TRP A 140 15.48 -3.12 -23.10
CA TRP A 140 16.73 -3.79 -23.45
C TRP A 140 17.46 -4.33 -22.21
N SER A 141 18.07 -5.49 -22.35
CA SER A 141 19.01 -6.02 -21.36
C SER A 141 20.23 -6.57 -22.11
N LYS A 142 21.05 -7.37 -21.42
CA LYS A 142 22.22 -8.00 -22.05
C LYS A 142 22.39 -9.42 -21.53
N ASP A 143 22.95 -10.28 -22.35
CA ASP A 143 23.33 -11.62 -21.90
C ASP A 143 24.40 -11.48 -20.81
N PRO A 144 24.19 -12.03 -19.61
CA PRO A 144 25.20 -11.83 -18.56
C PRO A 144 26.51 -12.58 -18.83
N ILE A 145 26.54 -13.56 -19.73
CA ILE A 145 27.77 -14.26 -20.09
C ILE A 145 28.45 -13.61 -21.28
N THR A 146 27.75 -13.51 -22.42
CA THR A 146 28.34 -13.02 -23.67
C THR A 146 28.28 -11.52 -23.85
N ASP A 147 27.45 -10.80 -23.09
CA ASP A 147 27.23 -9.36 -23.26
C ASP A 147 26.50 -8.98 -24.56
N GLN A 148 25.86 -9.93 -25.25
CA GLN A 148 25.06 -9.61 -26.44
C GLN A 148 23.77 -8.88 -26.07
N PRO A 149 23.27 -8.00 -26.94
CA PRO A 149 22.00 -7.31 -26.65
C PRO A 149 20.85 -8.29 -26.54
N LEU A 150 19.98 -8.04 -25.55
CA LEU A 150 18.74 -8.79 -25.37
C LEU A 150 17.57 -7.83 -25.41
N LEU A 151 16.60 -8.11 -26.27
CA LEU A 151 15.39 -7.31 -26.37
C LEU A 151 14.25 -8.05 -25.68
N CYS A 152 13.64 -7.42 -24.68
CA CYS A 152 12.48 -7.95 -23.98
C CYS A 152 11.21 -7.33 -24.54
N ILE A 153 10.19 -8.18 -24.72
CA ILE A 153 8.94 -7.85 -25.39
C ILE A 153 7.82 -8.50 -24.60
N ALA A 154 6.77 -7.75 -24.31
CA ALA A 154 5.68 -8.29 -23.50
C ALA A 154 4.34 -7.78 -24.00
N GLY A 155 3.30 -8.58 -23.78
CA GLY A 155 1.98 -8.26 -24.29
C GLY A 155 0.82 -8.89 -23.52
N ASN A 156 -0.27 -9.14 -24.26
CA ASN A 156 -1.57 -9.36 -23.63
C ASN A 156 -1.71 -10.74 -23.04
N GLU A 157 -0.76 -11.64 -23.27
CA GLU A 157 -0.83 -12.93 -22.60
C GLU A 157 -0.07 -12.94 -21.29
N GLY A 158 0.69 -11.89 -20.99
CA GLY A 158 1.31 -11.78 -19.69
C GLY A 158 2.66 -12.44 -19.54
N ASN A 159 3.34 -12.73 -20.64
CA ASN A 159 4.69 -13.27 -20.62
C ASN A 159 5.67 -12.26 -21.18
N VAL A 160 6.89 -12.25 -20.65
CA VAL A 160 7.98 -11.49 -21.23
C VAL A 160 8.77 -12.44 -22.10
N LYS A 161 8.94 -12.09 -23.37
CA LYS A 161 9.83 -12.82 -24.27
C LYS A 161 11.15 -12.06 -24.32
N VAL A 162 12.26 -12.76 -24.09
CA VAL A 162 13.57 -12.15 -24.18
C VAL A 162 14.25 -12.71 -25.44
N TYR A 163 14.54 -11.82 -26.39
CA TYR A 163 15.09 -12.21 -27.67
C TYR A 163 16.57 -11.88 -27.71
N ASN A 164 17.37 -12.83 -28.19
CA ASN A 164 18.76 -12.56 -28.57
C ASN A 164 18.71 -12.01 -29.99
N VAL A 165 18.86 -10.69 -30.12
CA VAL A 165 18.44 -10.05 -31.37
C VAL A 165 19.51 -10.14 -32.47
N THR A 166 20.79 -10.20 -32.12
CA THR A 166 21.80 -10.30 -33.18
C THR A 166 21.79 -11.69 -33.81
N GLU A 167 21.42 -12.72 -33.06
CA GLU A 167 21.35 -14.06 -33.63
C GLU A 167 19.94 -14.47 -34.03
N GLY A 168 18.92 -13.68 -33.73
CA GLY A 168 17.58 -14.02 -34.15
C GLY A 168 17.02 -15.28 -33.52
N LYS A 169 17.19 -15.42 -32.20
CA LYS A 169 16.65 -16.56 -31.47
C LYS A 169 16.09 -16.10 -30.14
N LEU A 170 15.32 -16.98 -29.52
CA LEU A 170 14.80 -16.71 -28.19
C LEU A 170 15.87 -16.97 -27.14
N TYR A 171 16.01 -16.05 -26.19
CA TYR A 171 16.87 -16.27 -25.04
C TYR A 171 16.12 -17.01 -23.95
N ARG A 172 14.96 -16.49 -23.56
CA ARG A 172 14.11 -17.13 -22.57
C ARG A 172 12.78 -16.40 -22.51
N THR A 173 11.83 -16.99 -21.81
CA THR A 173 10.53 -16.42 -21.48
C THR A 173 10.45 -16.21 -19.97
N LEU A 174 9.74 -15.16 -19.55
CA LEU A 174 9.48 -14.92 -18.13
C LEU A 174 7.97 -15.03 -17.89
N VAL A 175 7.57 -16.06 -17.14
CA VAL A 175 6.18 -16.44 -16.99
C VAL A 175 5.82 -16.28 -15.52
N GLY A 176 4.55 -15.97 -15.24
CA GLY A 176 4.18 -15.68 -13.86
C GLY A 176 3.05 -14.69 -13.68
N HIS A 177 3.01 -13.67 -14.52
CA HIS A 177 1.93 -12.67 -14.43
C HIS A 177 0.57 -13.31 -14.70
N GLY A 178 -0.45 -12.75 -14.03
CA GLY A 178 -1.82 -13.19 -14.23
C GLY A 178 -2.61 -12.46 -15.30
N GLY A 179 -1.98 -11.56 -16.05
CA GLY A 179 -2.70 -10.86 -17.10
C GLY A 179 -1.71 -10.10 -17.94
N GLY A 180 -2.26 -9.38 -18.92
CA GLY A 180 -1.41 -8.72 -19.90
C GLY A 180 -0.43 -7.76 -19.25
N ILE A 181 0.72 -7.60 -19.88
CA ILE A 181 1.76 -6.68 -19.42
C ILE A 181 1.64 -5.41 -20.24
N ASN A 182 1.62 -4.26 -19.58
CA ASN A 182 1.46 -3.01 -20.31
C ASN A 182 2.72 -2.17 -20.34
N ASP A 183 3.74 -2.50 -19.54
CA ASP A 183 4.96 -1.71 -19.51
C ASP A 183 6.12 -2.53 -18.95
N LEU A 184 7.33 -2.21 -19.46
CA LEU A 184 8.60 -2.76 -19.00
C LEU A 184 9.62 -1.66 -18.81
N ALA A 185 10.48 -1.83 -17.81
CA ALA A 185 11.61 -0.92 -17.62
C ALA A 185 12.82 -1.70 -17.08
N THR A 186 13.99 -1.37 -17.60
CA THR A 186 15.22 -1.94 -17.09
C THR A 186 15.82 -1.03 -16.02
N SER A 187 16.39 -1.63 -14.98
CA SER A 187 17.03 -0.83 -13.95
C SER A 187 18.29 -0.16 -14.49
N PRO A 188 18.45 1.15 -14.28
CA PRO A 188 19.71 1.81 -14.70
C PRO A 188 20.91 1.35 -13.89
N ALA A 189 20.71 0.77 -12.71
CA ALA A 189 21.82 0.38 -11.86
C ALA A 189 22.29 -1.05 -12.14
N ASN A 190 21.47 -1.85 -12.79
CA ASN A 190 21.76 -3.26 -12.99
C ASN A 190 21.03 -3.68 -14.26
N PRO A 191 21.76 -3.93 -15.35
CA PRO A 191 21.09 -4.18 -16.64
C PRO A 191 20.41 -5.51 -16.71
N TYR A 192 20.59 -6.39 -15.72
CA TYR A 192 19.94 -7.70 -15.65
C TYR A 192 18.64 -7.68 -14.84
N ILE A 193 18.24 -6.53 -14.33
CA ILE A 193 17.03 -6.37 -13.54
C ILE A 193 15.99 -5.64 -14.38
N ILE A 194 14.81 -6.23 -14.54
CA ILE A 194 13.72 -5.68 -15.35
CA ILE A 194 13.74 -5.58 -15.29
C ILE A 194 12.45 -5.68 -14.51
N ALA A 195 11.62 -4.64 -14.67
CA ALA A 195 10.33 -4.55 -14.00
C ALA A 195 9.21 -4.65 -15.02
N SER A 196 8.14 -5.37 -14.68
CA SER A 196 6.97 -5.49 -15.54
C SER A 196 5.71 -5.08 -14.79
N ALA A 197 4.86 -4.31 -15.47
CA ALA A 197 3.59 -3.81 -14.93
C ALA A 197 2.44 -4.46 -15.66
N SER A 198 1.47 -4.97 -14.91
CA SER A 198 0.52 -5.94 -15.44
C SER A 198 -0.92 -5.57 -15.13
N ASP A 199 -1.82 -6.09 -15.98
CA ASP A 199 -3.26 -6.08 -15.72
C ASP A 199 -3.61 -6.79 -14.42
N ASP A 200 -2.74 -7.70 -13.93
CA ASP A 200 -3.07 -8.35 -12.68
C ASP A 200 -2.87 -7.45 -11.45
N THR A 201 -2.54 -6.18 -11.67
CA THR A 201 -2.36 -5.09 -10.70
C THR A 201 -1.03 -5.17 -9.98
N THR A 202 -0.17 -6.13 -10.27
CA THR A 202 1.13 -6.22 -9.62
C THR A 202 2.25 -5.73 -10.55
N ILE A 203 3.38 -5.43 -9.93
CA ILE A 203 4.66 -5.29 -10.60
C ILE A 203 5.46 -6.53 -10.27
N ARG A 204 6.10 -7.13 -11.25
CA ARG A 204 7.09 -8.17 -10.97
C ARG A 204 8.48 -7.66 -11.38
N ILE A 205 9.47 -7.89 -10.49
CA ILE A 205 10.86 -7.57 -10.73
C ILE A 205 11.55 -8.89 -11.07
N TRP A 206 12.28 -8.93 -12.18
CA TRP A 206 12.92 -10.12 -12.72
C TRP A 206 14.43 -9.91 -12.84
N SER A 207 15.19 -10.97 -12.64
CA SER A 207 16.64 -10.93 -12.78
C SER A 207 17.10 -11.93 -13.83
N LEU A 208 17.85 -11.47 -14.82
CA LEU A 208 18.49 -12.36 -15.78
C LEU A 208 19.89 -12.83 -15.34
N ALA A 209 20.33 -12.47 -14.13
CA ALA A 209 21.62 -12.93 -13.64
C ALA A 209 21.64 -14.46 -13.58
N PRO A 210 22.79 -15.08 -13.83
CA PRO A 210 22.83 -16.56 -13.86
C PRO A 210 22.40 -17.22 -12.57
N GLU A 211 22.74 -16.63 -11.41
CA GLU A 211 22.32 -17.25 -10.16
C GLU A 211 20.80 -17.39 -10.06
N HIS A 212 20.03 -16.66 -10.87
CA HIS A 212 18.57 -16.66 -10.72
C HIS A 212 17.85 -17.41 -11.84
N GLU A 213 18.59 -18.17 -12.66
CA GLU A 213 18.02 -18.78 -13.86
C GLU A 213 16.82 -19.67 -13.54
N LYS A 214 16.88 -20.43 -12.44
CA LYS A 214 15.81 -21.39 -12.16
C LYS A 214 14.56 -20.74 -11.57
N GLN A 215 14.67 -19.54 -11.00
CA GLN A 215 13.49 -18.83 -10.47
C GLN A 215 13.77 -17.34 -10.56
N PRO A 216 13.50 -16.73 -11.72
CA PRO A 216 14.01 -15.37 -11.98
C PRO A 216 13.12 -14.25 -11.49
N CYS A 217 12.01 -14.53 -10.81
CA CYS A 217 11.23 -13.43 -10.26
C CYS A 217 11.73 -13.16 -8.84
N VAL A 218 12.42 -12.04 -8.66
CA VAL A 218 13.09 -11.75 -7.41
C VAL A 218 12.22 -10.91 -6.47
N CYS A 219 11.16 -10.27 -6.98
CA CYS A 219 10.33 -9.41 -6.15
C CYS A 219 8.95 -9.22 -6.78
N ILE A 220 7.92 -9.16 -5.93
CA ILE A 220 6.56 -8.81 -6.35
C ILE A 220 6.13 -7.59 -5.55
N LEU A 221 5.64 -6.57 -6.24
CA LEU A 221 5.07 -5.39 -5.58
C LEU A 221 3.56 -5.60 -5.58
N GLY A 222 3.02 -6.01 -4.44
CA GLY A 222 1.64 -6.44 -4.35
C GLY A 222 0.87 -5.71 -3.27
N GLY A 223 0.15 -6.42 -2.42
CA GLY A 223 -0.59 -5.75 -1.35
C GLY A 223 -1.84 -5.07 -1.89
N GLU A 224 -2.18 -3.92 -1.33
CA GLU A 224 -3.34 -3.16 -1.79
C GLU A 224 -2.95 -1.79 -2.34
N GLY A 225 -1.67 -1.60 -2.66
CA GLY A 225 -1.23 -0.35 -3.26
C GLY A 225 -1.97 -0.01 -4.52
N HIS A 226 -2.23 -1.00 -5.37
CA HIS A 226 -3.00 -0.82 -6.60
C HIS A 226 -4.19 -1.78 -6.62
N SER A 227 -5.28 -1.35 -7.26
CA SER A 227 -6.43 -2.22 -7.40
C SER A 227 -6.98 -2.30 -8.82
N TYR A 228 -6.29 -1.75 -9.83
CA TYR A 228 -6.70 -1.92 -11.23
C TYR A 228 -5.46 -2.07 -12.09
N ASP A 229 -5.70 -2.29 -13.39
CA ASP A 229 -4.62 -2.54 -14.35
C ASP A 229 -3.55 -1.46 -14.28
N LEU A 230 -2.28 -1.88 -14.17
CA LEU A 230 -1.19 -0.92 -14.20
C LEU A 230 -0.79 -0.62 -15.65
N LEU A 231 -0.40 0.63 -15.89
CA LEU A 231 -0.06 1.10 -17.22
C LEU A 231 1.40 1.52 -17.38
N SER A 232 2.09 1.83 -16.30
CA SER A 232 3.39 2.48 -16.38
C SER A 232 4.23 2.08 -15.16
N VAL A 233 5.49 1.72 -15.40
CA VAL A 233 6.45 1.45 -14.33
C VAL A 233 7.76 2.14 -14.68
N ALA A 234 8.46 2.68 -13.68
CA ALA A 234 9.71 3.39 -13.97
C ALA A 234 10.71 3.20 -12.83
N PHE A 235 11.99 3.14 -13.19
CA PHE A 235 13.07 3.05 -12.21
C PHE A 235 13.67 4.43 -11.95
N HIS A 236 13.99 4.68 -10.69
CA HIS A 236 14.93 5.74 -10.35
C HIS A 236 16.33 5.37 -10.83
N ASP A 237 17.16 6.39 -11.06
CA ASP A 237 18.52 6.12 -11.53
C ASP A 237 19.32 5.27 -10.56
N ASN A 238 19.03 5.29 -9.25
CA ASN A 238 19.78 4.45 -8.34
C ASN A 238 19.31 2.98 -8.36
N GLY A 239 18.31 2.64 -9.18
CA GLY A 239 17.84 1.27 -9.26
C GLY A 239 17.09 0.74 -8.06
N ARG A 240 16.82 1.54 -7.02
CA ARG A 240 16.13 1.01 -5.85
C ARG A 240 14.75 1.61 -5.62
N TYR A 241 14.37 2.68 -6.31
CA TYR A 241 13.02 3.20 -6.18
C TYR A 241 12.28 2.98 -7.49
N VAL A 242 11.03 2.51 -7.38
CA VAL A 242 10.20 2.18 -8.53
C VAL A 242 8.92 2.99 -8.41
N LEU A 243 8.49 3.58 -9.51
CA LEU A 243 7.19 4.23 -9.63
C LEU A 243 6.27 3.35 -10.44
N SER A 244 5.01 3.26 -10.02
CA SER A 244 3.98 2.53 -10.77
C SER A 244 2.70 3.36 -10.79
N ALA A 245 1.91 3.16 -11.83
CA ALA A 245 0.63 3.88 -11.92
C ALA A 245 -0.27 3.19 -12.93
N GLY A 246 -1.57 3.48 -12.83
CA GLY A 246 -2.50 3.04 -13.86
C GLY A 246 -3.95 3.46 -13.71
N HIS A 247 -4.88 2.54 -14.03
CA HIS A 247 -6.29 2.86 -14.10
C HIS A 247 -6.90 3.20 -12.74
N ASP A 248 -6.25 2.84 -11.63
CA ASP A 248 -6.81 3.23 -10.33
C ASP A 248 -6.47 4.65 -9.93
N GLN A 249 -5.74 5.40 -10.77
CA GLN A 249 -5.37 6.81 -10.56
C GLN A 249 -4.37 6.99 -9.42
N VAL A 250 -3.74 5.92 -8.97
CA VAL A 250 -2.76 5.96 -7.90
C VAL A 250 -1.37 5.98 -8.51
N ILE A 251 -0.51 6.86 -8.03
CA ILE A 251 0.92 6.82 -8.29
C ILE A 251 1.61 6.31 -7.03
N ASN A 252 2.39 5.24 -7.16
CA ASN A 252 3.06 4.61 -6.02
C ASN A 252 4.56 4.68 -6.24
N LEU A 253 5.30 4.95 -5.15
CA LEU A 253 6.75 4.88 -5.12
C LEU A 253 7.12 3.76 -4.17
N TRP A 254 7.92 2.81 -4.66
CA TRP A 254 8.28 1.62 -3.91
C TRP A 254 9.78 1.60 -3.71
N ALA A 255 10.24 1.06 -2.57
CA ALA A 255 11.66 0.89 -2.29
C ALA A 255 12.01 -0.59 -2.39
N LEU A 256 12.91 -0.95 -3.32
CA LEU A 256 13.37 -2.31 -3.49
C LEU A 256 14.45 -2.65 -2.47
N PRO A 257 14.40 -3.84 -1.86
CA PRO A 257 15.53 -4.28 -1.03
C PRO A 257 16.69 -4.67 -1.93
N GLU A 258 17.82 -5.04 -1.34
CA GLU A 258 18.90 -5.64 -2.12
C GLU A 258 18.58 -7.11 -2.33
N PHE A 259 18.86 -7.60 -3.52
CA PHE A 259 18.55 -8.99 -3.84
C PHE A 259 19.80 -9.84 -3.71
N PRO A 260 19.73 -10.99 -3.04
CA PRO A 260 20.93 -11.81 -2.85
C PRO A 260 21.43 -12.34 -4.19
N ASN A 261 22.74 -12.54 -4.27
CA ASN A 261 23.34 -13.06 -5.50
C ASN A 261 23.36 -14.58 -5.49
N GLU A 262 22.20 -15.15 -5.21
CA GLU A 262 22.06 -16.60 -5.14
C GLU A 262 20.61 -16.95 -5.43
N HIS A 263 20.39 -18.25 -5.60
CA HIS A 263 19.06 -18.75 -5.93
C HIS A 263 18.02 -18.31 -4.91
N MET A 264 16.85 -17.90 -5.40
CA MET A 264 15.75 -17.47 -4.55
C MET A 264 14.53 -18.32 -4.87
N GLU A 265 14.18 -19.23 -3.96
CA GLU A 265 13.04 -20.11 -4.17
C GLU A 265 11.76 -19.32 -4.35
N ILE A 266 11.57 -18.26 -3.58
CA ILE A 266 10.39 -17.42 -3.80
C ILE A 266 10.84 -15.97 -3.96
N PRO A 267 10.06 -15.15 -4.65
CA PRO A 267 10.37 -13.72 -4.67
C PRO A 267 10.11 -13.09 -3.31
N ILE A 268 10.82 -12.00 -3.06
CA ILE A 268 10.46 -11.12 -1.94
C ILE A 268 9.16 -10.39 -2.31
N VAL A 269 8.21 -10.37 -1.38
CA VAL A 269 6.93 -9.69 -1.62
C VAL A 269 6.92 -8.39 -0.81
N ILE A 270 6.59 -7.29 -1.47
CA ILE A 270 6.46 -5.99 -0.82
C ILE A 270 4.99 -5.62 -0.82
N TYR A 271 4.46 -5.33 0.37
CA TYR A 271 3.03 -5.10 0.50
C TYR A 271 2.65 -3.63 0.55
N TYR A 272 3.61 -2.73 0.75
CA TYR A 272 3.32 -1.31 1.02
C TYR A 272 4.31 -0.40 0.30
N PRO A 273 3.84 0.50 -0.55
CA PRO A 273 4.73 1.52 -1.11
C PRO A 273 5.12 2.52 -0.03
N HIS A 274 6.28 3.15 -0.23
CA HIS A 274 6.70 4.21 0.70
C HIS A 274 6.06 5.57 0.42
N PHE A 275 5.51 5.80 -0.77
CA PHE A 275 4.67 6.96 -1.03
C PHE A 275 3.54 6.49 -1.92
N SER A 276 2.34 7.01 -1.68
CA SER A 276 1.17 6.61 -2.45
C SER A 276 0.22 7.79 -2.56
N SER A 277 -0.22 8.12 -3.76
CA SER A 277 -1.22 9.17 -3.78
C SER A 277 -2.07 9.04 -5.04
N SER A 278 -3.36 9.27 -4.86
CA SER A 278 -4.29 9.38 -5.96
C SER A 278 -4.70 10.84 -6.22
N GLU A 279 -3.99 11.82 -5.64
CA GLU A 279 -4.46 13.21 -5.70
C GLU A 279 -3.71 14.09 -6.68
N ILE A 280 -2.62 13.63 -7.30
CA ILE A 280 -1.90 14.48 -8.25
C ILE A 280 -2.73 14.68 -9.52
N HIS A 281 -3.43 13.64 -9.96
CA HIS A 281 -4.31 13.71 -11.12
C HIS A 281 -5.72 13.37 -10.68
N ASN A 282 -6.68 13.69 -11.54
CA ASN A 282 -8.08 13.35 -11.35
C ASN A 282 -8.54 12.30 -12.33
N ASN A 283 -7.61 11.57 -12.94
CA ASN A 283 -7.95 10.66 -14.02
C ASN A 283 -6.93 9.51 -14.02
N LEU A 284 -7.20 8.51 -14.86
CA LEU A 284 -6.25 7.40 -14.98
C LEU A 284 -4.88 7.92 -15.41
N VAL A 285 -3.83 7.35 -14.81
CA VAL A 285 -2.46 7.77 -15.04
C VAL A 285 -1.79 6.76 -15.95
N ASP A 286 -1.28 7.21 -17.09
CA ASP A 286 -0.70 6.26 -18.04
C ASP A 286 0.77 6.46 -18.33
N CYS A 287 1.46 7.40 -17.66
CA CYS A 287 2.89 7.53 -17.86
C CYS A 287 3.50 8.23 -16.65
N VAL A 288 4.50 7.59 -16.01
CA VAL A 288 5.26 8.20 -14.93
C VAL A 288 6.75 7.98 -15.16
N ALA A 289 7.56 8.85 -14.58
CA ALA A 289 9.02 8.77 -14.68
C ALA A 289 9.63 9.66 -13.61
N PHE A 290 10.83 9.28 -13.17
CA PHE A 290 11.67 10.19 -12.41
C PHE A 290 12.39 11.15 -13.34
N TYR A 291 12.59 12.37 -12.87
CA TYR A 291 13.50 13.30 -13.50
C TYR A 291 14.43 13.72 -12.36
N GLY A 292 15.59 13.04 -12.28
CA GLY A 292 16.41 13.11 -11.07
C GLY A 292 15.59 12.57 -9.91
N ASP A 293 15.30 13.42 -8.94
CA ASP A 293 14.43 13.06 -7.82
C ASP A 293 13.03 13.61 -7.99
N LEU A 294 12.78 14.42 -9.02
CA LEU A 294 11.46 14.97 -9.29
C LEU A 294 10.62 13.95 -10.04
N ILE A 295 9.30 14.16 -10.08
CA ILE A 295 8.38 13.25 -10.77
C ILE A 295 7.74 13.96 -11.95
N LEU A 296 7.62 13.24 -13.06
CA LEU A 296 6.83 13.62 -14.23
C LEU A 296 5.73 12.58 -14.41
N SER A 297 4.50 13.03 -14.68
CA SER A 297 3.42 12.08 -14.91
C SER A 297 2.35 12.74 -15.74
N ARG A 298 1.56 11.93 -16.45
CA ARG A 298 0.42 12.48 -17.15
C ARG A 298 -0.78 11.56 -17.01
N ALA A 299 -1.96 12.14 -17.09
CA ALA A 299 -3.21 11.41 -16.96
C ALA A 299 -4.12 11.69 -18.16
N CYS A 300 -5.07 10.79 -18.37
CA CYS A 300 -6.04 10.97 -19.44
C CYS A 300 -6.97 12.16 -19.14
N HIS A 301 -7.44 12.81 -20.20
CA HIS A 301 -8.36 13.97 -20.15
C HIS A 301 -7.75 15.24 -19.58
N GLU A 302 -6.44 15.33 -19.36
CA GLU A 302 -5.90 16.54 -18.74
C GLU A 302 -5.02 17.40 -19.64
N ASP A 303 -4.51 16.87 -20.76
CA ASP A 303 -3.69 17.64 -21.71
C ASP A 303 -2.49 18.33 -21.04
N THR A 304 -1.95 17.69 -20.00
CA THR A 304 -0.76 18.20 -19.34
C THR A 304 0.17 17.03 -19.04
N ILE A 305 1.45 17.36 -18.95
CA ILE A 305 2.43 16.57 -18.23
C ILE A 305 2.79 17.36 -16.98
N VAL A 306 2.61 16.75 -15.81
CA VAL A 306 2.80 17.43 -14.53
C VAL A 306 4.19 17.13 -13.99
N LEU A 307 4.88 18.19 -13.56
CA LEU A 307 6.15 18.04 -12.85
C LEU A 307 5.88 18.34 -11.39
N TRP A 308 6.30 17.43 -10.51
CA TRP A 308 5.97 17.57 -9.11
C TRP A 308 7.03 16.87 -8.28
N ARG A 309 6.97 17.06 -6.96
CA ARG A 309 7.95 16.43 -6.09
C ARG A 309 7.29 15.89 -4.84
N ILE A 310 7.92 14.86 -4.28
CA ILE A 310 7.52 14.28 -3.01
C ILE A 310 8.26 15.01 -1.90
N GLU A 311 7.52 15.58 -0.95
CA GLU A 311 8.16 16.36 0.11
C GLU A 311 9.02 15.46 0.96
N GLY A 312 10.29 15.82 1.11
CA GLY A 312 11.21 15.06 1.92
C GLY A 312 11.89 13.92 1.22
N PHE A 313 11.66 13.71 -0.08
CA PHE A 313 12.30 12.62 -0.80
C PHE A 313 13.63 13.08 -1.38
N SER A 314 14.69 12.35 -1.06
CA SER A 314 15.99 12.64 -1.65
C SER A 314 16.75 11.33 -1.85
N SER A 315 17.35 11.15 -3.02
CA SER A 315 18.12 9.93 -3.21
C SER A 315 19.50 9.98 -2.56
N ASP A 316 19.88 11.10 -1.94
CA ASP A 316 21.07 11.11 -1.10
C ASP A 316 20.88 10.44 0.25
N ASP A 317 19.64 10.22 0.68
CA ASP A 317 19.38 9.62 1.98
C ASP A 317 19.44 8.09 1.89
N PRO A 318 19.62 7.40 3.01
CA PRO A 318 19.58 5.94 2.99
C PRO A 318 18.23 5.45 2.50
N ILE A 319 18.26 4.32 1.78
CA ILE A 319 17.06 3.64 1.30
C ILE A 319 16.32 3.12 2.51
N PRO A 320 15.04 3.46 2.69
CA PRO A 320 14.27 2.86 3.78
C PRO A 320 13.96 1.39 3.50
N GLY A 321 13.83 0.61 4.59
CA GLY A 321 13.42 -0.77 4.51
C GLY A 321 11.91 -0.91 4.45
N PRO A 322 11.44 -2.12 4.15
CA PRO A 322 9.98 -2.32 3.97
C PRO A 322 9.15 -2.05 5.20
N LEU A 323 9.70 -2.18 6.39
CA LEU A 323 8.94 -1.90 7.61
C LEU A 323 8.88 -0.41 7.92
N ASP A 324 9.49 0.44 7.11
CA ASP A 324 9.34 1.87 7.27
C ASP A 324 8.14 2.41 6.49
N ALA A 325 7.54 1.61 5.63
CA ALA A 325 6.47 2.11 4.78
C ALA A 325 5.25 2.48 5.62
N PRO A 326 4.46 3.46 5.18
CA PRO A 326 3.19 3.75 5.85
C PRO A 326 2.16 2.70 5.49
N THR A 327 1.22 2.47 6.39
CA THR A 327 0.17 1.50 6.18
C THR A 327 -1.17 2.21 6.15
N PRO A 328 -2.19 1.63 5.52
CA PRO A 328 -3.47 2.36 5.42
C PRO A 328 -4.29 2.24 6.69
N THR A 329 -3.82 2.92 7.74
CA THR A 329 -4.56 2.97 8.99
C THR A 329 -5.90 3.68 8.84
N ASP A 330 -5.95 4.69 7.94
CA ASP A 330 -7.09 5.59 7.78
C ASP A 330 -7.55 5.53 6.34
N MET A 331 -8.73 4.95 6.10
CA MET A 331 -9.25 4.76 4.76
C MET A 331 -9.81 6.03 4.12
N THR A 332 -9.72 7.18 4.77
CA THR A 332 -10.11 8.42 4.11
C THR A 332 -8.92 9.18 3.53
N LYS A 333 -7.69 8.77 3.84
CA LYS A 333 -6.50 9.45 3.35
C LYS A 333 -6.18 8.97 1.93
N GLN A 334 -6.14 9.90 0.98
CA GLN A 334 -5.82 9.56 -0.40
C GLN A 334 -4.34 9.77 -0.71
N THR A 335 -3.55 10.18 0.29
CA THR A 335 -2.10 10.33 0.15
C THR A 335 -1.47 9.88 1.45
N ARG A 336 -0.40 9.10 1.35
CA ARG A 336 0.39 8.75 2.51
CA ARG A 336 0.39 8.71 2.50
C ARG A 336 1.85 8.67 2.09
N SER A 337 2.74 8.90 3.03
CA SER A 337 4.15 9.02 2.68
C SER A 337 5.04 8.71 3.87
N TYR A 338 6.09 7.92 3.65
CA TYR A 338 7.14 7.77 4.64
C TYR A 338 8.02 9.01 4.72
N PHE A 339 8.07 9.79 3.64
CA PHE A 339 9.13 10.79 3.50
C PHE A 339 8.82 12.12 4.20
N THR A 340 7.56 12.38 4.57
CA THR A 340 7.16 13.68 5.11
C THR A 340 8.11 14.14 6.22
N PRO A 341 8.73 15.34 6.10
CA PRO A 341 9.69 15.88 7.08
C PRO A 341 9.14 15.92 8.51
N SER A 347 8.07 25.47 5.13
CA SER A 347 7.67 24.53 4.09
C SER A 347 6.16 24.27 4.14
N ARG A 348 5.62 23.62 3.09
CA ARG A 348 4.18 23.40 3.00
C ARG A 348 3.78 22.15 3.80
N PRO A 349 2.61 22.17 4.46
CA PRO A 349 2.21 20.99 5.26
C PRO A 349 1.99 19.71 4.45
N ALA A 350 1.90 19.80 3.12
CA ALA A 350 1.45 18.68 2.31
C ALA A 350 2.58 17.66 2.06
N MET A 351 2.21 16.55 1.46
CA MET A 351 3.16 15.48 1.24
C MET A 351 3.75 15.51 -0.17
N PHE A 352 3.18 16.32 -1.06
CA PHE A 352 3.73 16.55 -2.39
C PHE A 352 3.49 18.01 -2.75
N THR A 353 4.23 18.49 -3.76
CA THR A 353 4.05 19.85 -4.29
C THR A 353 4.03 19.78 -5.81
N ARG A 354 2.94 20.27 -6.41
CA ARG A 354 2.87 20.43 -7.86
C ARG A 354 3.79 21.58 -8.26
N LEU A 355 4.66 21.35 -9.25
CA LEU A 355 5.66 22.37 -9.59
C LEU A 355 5.37 23.09 -10.89
N ALA A 356 5.03 22.36 -11.95
CA ALA A 356 4.81 22.91 -13.28
C ALA A 356 3.99 21.94 -14.08
N GLN A 357 3.35 22.47 -15.12
CA GLN A 357 2.54 21.67 -16.03
C GLN A 357 2.88 22.04 -17.46
N PHE A 358 3.40 21.07 -18.19
CA PHE A 358 3.65 21.23 -19.62
C PHE A 358 2.35 21.00 -20.38
N HIS A 359 1.99 21.99 -21.20
CA HIS A 359 0.72 21.95 -21.92
C HIS A 359 0.85 21.08 -23.15
N THR A 360 -0.03 20.07 -23.26
CA THR A 360 -0.04 19.15 -24.39
C THR A 360 -1.47 19.08 -24.92
N PRO A 361 -1.91 20.11 -25.67
CA PRO A 361 -3.31 20.16 -26.10
C PRO A 361 -3.67 19.06 -27.07
N ASP A 362 -4.96 18.72 -27.08
CA ASP A 362 -5.56 17.77 -28.04
C ASP A 362 -5.06 16.34 -27.86
N CYS A 363 -4.98 15.89 -26.62
CA CYS A 363 -4.95 14.46 -26.36
C CYS A 363 -6.35 13.90 -26.24
N GLY A 364 -7.35 14.76 -26.04
CA GLY A 364 -8.73 14.32 -25.97
C GLY A 364 -8.93 13.24 -24.93
N VAL A 365 -9.59 12.16 -25.34
CA VAL A 365 -9.80 11.02 -24.46
C VAL A 365 -8.78 9.91 -24.67
N GLN A 366 -7.79 10.11 -25.55
CA GLN A 366 -6.75 9.09 -25.75
C GLN A 366 -5.96 8.83 -24.47
N PHE A 367 -5.61 7.56 -24.26
CA PHE A 367 -4.64 7.23 -23.23
C PHE A 367 -3.71 6.16 -23.77
N PHE A 368 -2.71 5.82 -22.96
CA PHE A 368 -1.52 5.06 -23.37
C PHE A 368 -0.71 5.83 -24.39
N MET A 369 -0.31 7.03 -23.97
CA MET A 369 0.58 7.92 -24.72
C MET A 369 1.69 8.34 -23.78
N ARG A 370 2.95 8.19 -24.21
CA ARG A 370 4.07 8.31 -23.29
C ARG A 370 5.04 9.39 -23.75
N PHE A 371 5.59 10.15 -22.80
CA PHE A 371 6.61 11.16 -23.06
C PHE A 371 7.99 10.58 -22.74
N ARG A 372 9.03 11.28 -23.18
CA ARG A 372 10.40 10.88 -22.83
C ARG A 372 11.32 12.10 -22.70
N MET A 373 12.06 12.15 -21.59
CA MET A 373 13.08 13.17 -21.32
C MET A 373 14.46 12.70 -21.80
N TYR A 374 15.22 13.61 -22.41
CA TYR A 374 16.62 13.36 -22.72
C TYR A 374 17.45 14.07 -21.64
N HIS A 375 18.12 13.29 -20.81
CA HIS A 375 18.81 13.80 -19.63
C HIS A 375 20.22 13.19 -19.61
N VAL A 376 21.21 13.99 -19.95
CA VAL A 376 22.57 13.49 -20.18
C VAL A 376 23.57 14.55 -19.74
N PRO A 377 24.66 14.16 -19.09
CA PRO A 377 25.63 15.17 -18.62
C PRO A 377 26.14 16.05 -19.75
N GLY A 378 26.16 17.35 -19.51
CA GLY A 378 26.71 18.29 -20.47
C GLY A 378 25.80 18.68 -21.62
N LYS A 379 24.55 18.25 -21.61
CA LYS A 379 23.60 18.64 -22.65
C LYS A 379 22.30 19.12 -22.01
N HIS A 380 21.59 19.97 -22.73
CA HIS A 380 20.32 20.46 -22.23
C HIS A 380 19.33 19.31 -22.06
N PRO A 381 18.55 19.31 -20.98
CA PRO A 381 17.47 18.33 -20.85
C PRO A 381 16.28 18.72 -21.74
N ILE A 382 15.79 17.77 -22.53
CA ILE A 382 14.71 18.02 -23.49
C ILE A 382 13.56 17.08 -23.21
N LEU A 383 12.36 17.64 -23.05
CA LEU A 383 11.15 16.85 -22.89
C LEU A 383 10.47 16.74 -24.26
N ALA A 384 10.08 15.52 -24.64
CA ALA A 384 9.39 15.30 -25.92
C ALA A 384 8.11 14.51 -25.70
N PHE A 385 7.07 14.83 -26.48
CA PHE A 385 5.78 14.16 -26.41
C PHE A 385 4.98 14.48 -27.66
N ALA A 386 4.31 13.46 -28.20
CA ALA A 386 3.39 13.59 -29.33
C ALA A 386 1.95 13.39 -28.87
N ASN A 387 1.04 14.24 -29.35
CA ASN A 387 -0.34 14.19 -28.88
C ASN A 387 -1.17 13.28 -29.79
N ALA A 388 -2.49 13.38 -29.69
CA ALA A 388 -3.40 12.55 -30.47
C ALA A 388 -3.95 13.25 -31.70
N LYS A 389 -3.34 14.35 -32.12
CA LYS A 389 -3.79 15.10 -33.28
C LYS A 389 -2.58 15.60 -34.07
N SER A 390 -1.64 14.69 -34.33
CA SER A 390 -0.61 14.92 -35.33
C SER A 390 0.32 16.08 -34.97
N LYS A 391 0.73 16.15 -33.70
CA LYS A 391 1.67 17.15 -33.22
C LYS A 391 2.75 16.48 -32.38
N THR A 392 3.99 16.93 -32.54
CA THR A 392 5.09 16.54 -31.68
C THR A 392 5.60 17.78 -30.97
N PHE A 393 5.70 17.73 -29.64
CA PHE A 393 6.07 18.87 -28.80
C PHE A 393 7.47 18.67 -28.21
N PHE A 394 8.22 19.77 -28.06
CA PHE A 394 9.50 19.77 -27.38
C PHE A 394 9.58 20.92 -26.38
N TRP A 395 10.17 20.66 -25.22
CA TRP A 395 10.59 21.72 -24.32
C TRP A 395 12.06 21.48 -23.99
N ASP A 396 12.83 22.56 -24.00
CA ASP A 396 14.22 22.54 -23.53
C ASP A 396 14.22 23.15 -22.15
N LEU A 397 14.49 22.32 -21.13
CA LEU A 397 14.39 22.79 -19.76
C LEU A 397 15.46 23.84 -19.44
N ALA A 398 16.53 23.91 -20.22
CA ALA A 398 17.55 24.93 -19.96
C ALA A 398 17.09 26.32 -20.38
N ARG A 399 16.05 26.43 -21.22
CA ARG A 399 15.53 27.74 -21.59
C ARG A 399 14.86 28.45 -20.41
N PHE A 400 14.31 27.69 -19.45
CA PHE A 400 13.61 28.31 -18.32
C PHE A 400 14.55 29.17 -17.49
N GLY A 401 15.73 28.64 -17.17
CA GLY A 401 16.69 29.41 -16.39
C GLY A 401 17.27 30.58 -17.15
N GLU A 402 17.61 30.39 -18.43
CA GLU A 402 18.16 31.50 -19.18
C GLU A 402 17.13 32.59 -19.40
N TYR A 403 15.84 32.24 -19.50
CA TYR A 403 14.84 33.29 -19.64
C TYR A 403 14.66 34.03 -18.34
N ALA A 404 14.66 33.32 -17.22
CA ALA A 404 14.61 33.98 -15.91
C ALA A 404 15.80 34.89 -15.72
N ARG A 405 17.01 34.43 -16.07
CA ARG A 405 18.18 35.28 -15.95
C ARG A 405 18.02 36.55 -16.78
N PHE A 406 17.51 36.40 -18.00
CA PHE A 406 17.36 37.56 -18.87
C PHE A 406 16.29 38.51 -18.35
N MET A 407 15.19 37.96 -17.82
CA MET A 407 14.15 38.83 -17.26
C MET A 407 14.66 39.57 -16.03
N ALA A 408 15.52 38.94 -15.23
CA ALA A 408 16.11 39.62 -14.09
C ALA A 408 17.11 40.69 -14.53
N ASP A 409 17.94 40.38 -15.54
CA ASP A 409 18.87 41.38 -16.06
C ASP A 409 18.12 42.57 -16.63
N LEU A 410 16.98 42.31 -17.28
CA LEU A 410 16.17 43.40 -17.84
C LEU A 410 15.62 44.30 -16.74
N LYS A 411 14.91 43.71 -15.77
CA LYS A 411 14.29 44.50 -14.70
C LYS A 411 15.35 45.22 -13.86
N GLU A 412 16.54 44.63 -13.72
CA GLU A 412 17.62 45.26 -12.97
C GLU A 412 18.04 46.56 -13.64
N ALA A 413 18.36 46.50 -14.93
CA ALA A 413 18.80 47.70 -15.65
C ALA A 413 17.67 48.68 -15.89
N GLN A 414 16.41 48.23 -15.85
CA GLN A 414 15.29 49.15 -16.02
C GLN A 414 15.16 50.11 -14.84
N GLN A 415 15.45 49.63 -13.62
CA GLN A 415 15.44 50.52 -12.46
C GLN A 415 16.70 51.38 -12.41
N SER A 416 17.87 50.74 -12.60
CA SER A 416 19.14 51.44 -12.53
C SER A 416 19.34 52.50 -13.61
N TYR A 417 18.44 52.58 -14.60
CA TYR A 417 18.59 53.53 -15.70
C TYR A 417 17.24 54.12 -16.13
N ASN A 418 16.26 54.14 -15.21
CA ASN A 418 14.98 54.82 -15.39
C ASN A 418 14.27 54.39 -16.67
N GLY A 419 14.34 53.09 -16.97
CA GLY A 419 13.65 52.55 -18.11
C GLY A 419 14.36 52.69 -19.44
N ARG A 420 15.61 53.18 -19.44
CA ARG A 420 16.38 53.36 -20.67
C ARG A 420 17.60 52.44 -20.69
N VAL A 421 17.41 51.28 -21.35
CA VAL A 421 18.45 50.27 -21.54
C VAL A 421 18.36 49.83 -23.00
N VAL A 422 19.42 49.14 -23.45
CA VAL A 422 19.45 48.57 -24.79
C VAL A 422 19.60 47.07 -24.69
N VAL A 423 18.92 46.33 -25.58
CA VAL A 423 18.86 44.88 -25.53
C VAL A 423 19.49 44.32 -26.80
N VAL A 424 20.51 43.48 -26.63
CA VAL A 424 21.30 42.95 -27.74
C VAL A 424 21.21 41.44 -27.74
N ASP A 425 20.98 40.85 -28.92
CA ASP A 425 20.93 39.41 -29.07
C ASP A 425 22.29 38.77 -28.79
N GLN A 426 22.26 37.59 -28.19
CA GLN A 426 23.46 36.78 -28.11
C GLN A 426 23.67 36.04 -29.44
N GLY A 427 24.73 35.25 -29.51
CA GLY A 427 24.99 34.40 -30.65
C GLY A 427 25.78 35.03 -31.78
N GLN A 428 25.70 36.36 -31.94
CA GLN A 428 26.48 37.07 -32.94
C GLN A 428 27.83 37.48 -32.36
N GLY A 429 28.64 38.12 -33.20
CA GLY A 429 30.02 38.38 -32.84
C GLY A 429 30.22 39.46 -31.79
N ILE A 430 29.15 39.87 -31.12
CA ILE A 430 29.21 41.00 -30.19
C ILE A 430 29.14 40.48 -28.77
N SER A 431 29.99 41.02 -27.90
CA SER A 431 30.03 40.75 -26.48
C SER A 431 29.33 41.86 -25.69
N LEU A 432 28.98 41.56 -24.44
CA LEU A 432 28.59 42.60 -23.49
C LEU A 432 29.86 43.32 -23.04
N ALA A 433 30.41 44.09 -23.97
CA ALA A 433 31.72 44.73 -23.82
C ALA A 433 31.94 45.54 -25.09
N GLN A 434 31.90 44.85 -26.23
CA GLN A 434 31.78 45.55 -27.51
C GLN A 434 30.49 46.35 -27.57
N ALA A 435 29.40 45.78 -27.08
CA ALA A 435 28.13 46.50 -27.03
C ALA A 435 28.22 47.69 -26.09
N GLN A 436 28.96 47.55 -24.99
CA GLN A 436 29.11 48.65 -24.05
C GLN A 436 30.04 49.73 -24.57
N GLN A 437 30.96 49.38 -25.48
CA GLN A 437 31.84 50.38 -26.10
C GLN A 437 31.06 51.38 -26.94
N VAL A 438 29.86 51.02 -27.39
CA VAL A 438 29.11 51.90 -28.29
C VAL A 438 28.42 53.01 -27.52
N HIS A 439 27.65 52.66 -26.48
CA HIS A 439 26.90 53.65 -25.70
C HIS A 439 27.60 54.06 -24.41
N GLY A 440 28.72 53.44 -24.06
CA GLY A 440 29.52 53.86 -22.91
C GLY A 440 28.84 53.92 -21.56
N VAL A 445 22.79 48.12 -21.25
CA VAL A 445 22.91 46.96 -22.14
C VAL A 445 22.51 45.60 -21.51
N VAL A 446 21.48 44.96 -22.08
CA VAL A 446 21.04 43.63 -21.66
C VAL A 446 21.21 42.67 -22.83
N MET A 447 21.78 41.49 -22.55
CA MET A 447 21.95 40.46 -23.57
C MET A 447 20.74 39.53 -23.56
N LYS A 448 20.13 39.35 -24.73
CA LYS A 448 18.92 38.53 -24.84
C LYS A 448 19.21 37.26 -25.61
N PRO A 449 18.80 36.09 -25.11
CA PRO A 449 18.95 34.85 -25.89
C PRO A 449 18.36 35.00 -27.29
N ALA A 450 19.10 34.48 -28.28
CA ALA A 450 18.65 34.63 -29.66
C ALA A 450 17.34 33.89 -29.92
N TRP A 451 17.01 32.87 -29.12
CA TRP A 451 15.78 32.13 -29.35
C TRP A 451 14.54 32.83 -28.77
N LEU A 452 14.70 33.95 -28.08
CA LEU A 452 13.56 34.76 -27.66
C LEU A 452 13.22 35.72 -28.79
N VAL A 453 12.04 35.54 -29.39
CA VAL A 453 11.66 36.24 -30.62
C VAL A 453 10.36 37.00 -30.38
N PRO A 454 10.23 38.26 -30.86
CA PRO A 454 9.04 39.08 -30.60
C PRO A 454 7.79 38.67 -31.39
N GLY A 529 11.27 49.08 -25.97
CA GLY A 529 11.07 47.86 -25.22
C GLY A 529 10.36 46.80 -26.05
N PHE A 530 9.70 45.85 -25.38
CA PHE A 530 8.99 44.78 -26.05
C PHE A 530 7.49 44.93 -25.88
N SER A 531 6.75 44.44 -26.87
CA SER A 531 5.30 44.54 -26.85
C SER A 531 4.72 43.57 -25.82
N ARG A 532 3.55 43.95 -25.28
CA ARG A 532 2.90 43.10 -24.29
C ARG A 532 2.60 41.72 -24.86
N GLU A 533 2.21 41.67 -26.13
CA GLU A 533 1.95 40.38 -26.78
C GLU A 533 3.22 39.55 -26.85
N THR A 534 4.38 40.21 -26.98
CA THR A 534 5.65 39.49 -27.00
C THR A 534 6.01 38.97 -25.60
N LEU A 535 5.85 39.82 -24.58
CA LEU A 535 6.12 39.35 -23.21
C LEU A 535 5.14 38.27 -22.79
N GLN A 536 3.91 38.33 -23.29
CA GLN A 536 2.93 37.30 -22.98
C GLN A 536 3.32 35.98 -23.63
N ALA A 537 3.71 36.05 -24.89
CA ALA A 537 4.15 34.85 -25.60
C ALA A 537 5.36 34.22 -24.92
N TRP A 538 6.31 35.03 -24.47
CA TRP A 538 7.49 34.50 -23.79
C TRP A 538 7.13 33.84 -22.46
N ALA A 539 6.25 34.48 -21.67
CA ALA A 539 5.90 33.93 -20.38
C ALA A 539 5.11 32.62 -20.53
N ASP A 540 4.25 32.52 -21.54
CA ASP A 540 3.52 31.28 -21.75
C ASP A 540 4.46 30.10 -22.00
N MET A 541 5.63 30.35 -22.60
CA MET A 541 6.59 29.30 -22.90
C MET A 541 7.58 29.08 -21.76
N TYR A 542 7.92 30.12 -21.00
CA TYR A 542 9.10 30.07 -20.15
C TYR A 542 8.88 30.49 -18.71
N ASP A 543 7.73 31.06 -18.35
CA ASP A 543 7.50 31.50 -16.98
C ASP A 543 7.10 30.32 -16.10
N LEU A 544 7.80 30.15 -14.98
CA LEU A 544 7.60 29.01 -14.08
C LEU A 544 6.98 29.41 -12.75
N SER A 545 6.16 30.46 -12.73
CA SER A 545 5.72 31.02 -11.46
C SER A 545 4.35 30.52 -11.01
N ASN A 546 3.63 29.79 -11.87
CA ASN A 546 2.30 29.26 -11.52
C ASN A 546 2.22 27.74 -11.67
N PRO A 547 2.10 26.98 -10.56
CA PRO A 547 2.08 25.50 -10.68
C PRO A 547 0.86 24.94 -11.39
N VAL A 548 -0.24 25.69 -11.51
CA VAL A 548 -1.40 25.26 -12.29
C VAL A 548 -1.49 26.05 -13.60
N GLY A 549 -0.42 26.73 -13.98
CA GLY A 549 -0.35 27.29 -15.32
C GLY A 549 -0.08 26.20 -16.36
N LEU A 550 -0.03 26.63 -17.62
CA LEU A 550 0.15 25.73 -18.76
C LEU A 550 1.34 26.25 -19.56
N ILE A 551 2.43 25.49 -19.58
CA ILE A 551 3.64 25.90 -20.28
C ILE A 551 3.54 25.44 -21.74
N LYS A 552 3.50 26.41 -22.67
CA LYS A 552 3.36 26.06 -24.08
C LYS A 552 4.68 25.47 -24.59
N ALA A 553 4.57 24.48 -25.49
CA ALA A 553 5.73 23.83 -26.09
C ALA A 553 6.70 24.84 -26.69
N HIS A 554 7.99 24.56 -26.54
CA HIS A 554 8.97 25.47 -27.14
C HIS A 554 9.09 25.26 -28.63
N ARG A 555 8.87 24.03 -29.11
CA ARG A 555 8.74 23.76 -30.53
C ARG A 555 7.60 22.78 -30.73
N SER A 556 6.75 23.09 -31.69
CA SER A 556 5.58 22.30 -32.01
C SER A 556 5.64 21.95 -33.49
N LEU A 557 5.77 20.66 -33.82
CA LEU A 557 5.92 20.20 -35.19
C LEU A 557 4.70 19.41 -35.60
N ALA A 558 4.07 19.85 -36.68
CA ALA A 558 2.90 19.19 -37.21
C ALA A 558 3.30 17.94 -38.00
N ILE A 559 2.40 16.98 -38.02
CA ILE A 559 2.60 15.68 -38.64
C ILE A 559 1.54 15.54 -39.73
N ASP A 560 1.93 15.14 -40.93
CA ASP A 560 0.95 15.00 -41.99
C ASP A 560 0.15 13.72 -41.78
N GLY A 561 -1.17 13.81 -41.95
CA GLY A 561 -2.05 12.71 -41.65
C GLY A 561 -2.50 12.71 -40.19
N ALA A 562 -3.43 11.81 -39.90
CA ALA A 562 -3.94 11.62 -38.54
C ALA A 562 -3.04 10.65 -37.79
N PHE A 563 -2.42 11.13 -36.70
CA PHE A 563 -1.38 10.39 -35.99
C PHE A 563 -1.56 10.55 -34.48
N VAL A 564 -1.49 9.44 -33.75
CA VAL A 564 -1.52 9.45 -32.29
C VAL A 564 -0.17 8.91 -31.81
N GLY A 565 0.54 9.71 -31.02
CA GLY A 565 1.80 9.28 -30.45
C GLY A 565 1.61 8.31 -29.29
N ARG A 566 2.39 7.24 -29.31
CA ARG A 566 2.44 6.26 -28.24
C ARG A 566 3.72 6.31 -27.43
N GLN A 567 4.86 6.65 -28.03
CA GLN A 567 6.12 6.57 -27.30
C GLN A 567 7.17 7.38 -28.04
N VAL A 568 8.13 7.90 -27.26
CA VAL A 568 9.22 8.72 -27.77
C VAL A 568 10.52 8.10 -27.28
N GLY A 569 11.55 8.11 -28.11
CA GLY A 569 12.85 7.62 -27.70
C GLY A 569 13.95 8.55 -28.19
N TRP A 570 15.05 8.60 -27.43
CA TRP A 570 16.18 9.46 -27.75
C TRP A 570 17.45 8.62 -27.94
N SER A 571 18.25 8.96 -28.95
CA SER A 571 19.57 8.35 -29.09
C SER A 571 20.50 8.82 -27.97
N PRO A 572 21.54 8.03 -27.63
CA PRO A 572 22.46 8.43 -26.55
C PRO A 572 23.01 9.85 -26.65
N GLU A 573 23.40 10.30 -27.84
CA GLU A 573 23.97 11.63 -28.01
C GLU A 573 22.93 12.70 -28.24
N GLY A 574 21.65 12.33 -28.27
CA GLY A 574 20.58 13.31 -28.37
C GLY A 574 20.39 13.93 -29.72
N GLU A 575 21.03 13.38 -30.76
CA GLU A 575 20.86 13.95 -32.09
C GLU A 575 19.68 13.34 -32.84
N TRP A 576 19.11 12.26 -32.34
CA TRP A 576 17.95 11.61 -32.93
C TRP A 576 16.82 11.53 -31.90
N CYS A 577 15.60 11.78 -32.35
CA CYS A 577 14.41 11.60 -31.53
C CYS A 577 13.35 10.91 -32.36
N VAL A 578 12.88 9.74 -31.91
CA VAL A 578 11.96 8.92 -32.69
C VAL A 578 10.63 8.85 -31.96
N VAL A 579 9.56 9.21 -32.67
CA VAL A 579 8.19 9.11 -32.18
C VAL A 579 7.51 8.00 -32.98
N VAL A 580 6.84 7.07 -32.27
CA VAL A 580 6.12 6.00 -32.95
C VAL A 580 4.67 6.04 -32.52
N GLY A 581 3.79 5.54 -33.38
CA GLY A 581 2.37 5.59 -33.06
C GLY A 581 1.50 4.79 -34.00
N ASN A 582 0.26 5.24 -34.18
CA ASN A 582 -0.70 4.42 -34.91
C ASN A 582 -0.39 4.42 -36.40
N GLY A 583 -1.03 3.49 -37.11
CA GLY A 583 -0.68 3.24 -38.49
C GLY A 583 0.66 2.60 -38.68
N ASN A 584 1.26 2.05 -37.62
CA ASN A 584 2.62 1.52 -37.68
C ASN A 584 3.57 2.55 -38.28
N ARG A 585 3.52 3.77 -37.75
CA ARG A 585 4.30 4.88 -38.29
C ARG A 585 5.40 5.28 -37.34
N ALA A 586 6.58 5.56 -37.88
CA ALA A 586 7.70 6.09 -37.11
C ALA A 586 8.07 7.46 -37.67
N LEU A 587 8.20 8.44 -36.80
CA LEU A 587 8.65 9.77 -37.17
C LEU A 587 10.03 10.01 -36.58
N ILE A 588 11.01 10.28 -37.43
CA ILE A 588 12.41 10.36 -37.00
C ILE A 588 12.88 11.81 -37.14
N TYR A 589 13.16 12.44 -36.00
CA TYR A 589 13.64 13.80 -35.93
C TYR A 589 15.15 13.84 -35.65
N GLN A 590 15.81 14.90 -36.17
CA GLN A 590 17.24 15.05 -36.01
C GLN A 590 17.57 16.50 -35.69
N ARG A 591 18.65 16.69 -34.95
CA ARG A 591 19.34 17.97 -34.90
C ARG A 591 20.83 17.70 -35.07
N TRP A 592 21.61 18.76 -35.22
CA TRP A 592 23.06 18.65 -35.36
C TRP A 592 23.43 17.77 -36.55
N GLY A 593 22.66 17.89 -37.62
CA GLY A 593 22.85 17.05 -38.78
C GLY A 593 24.15 17.36 -39.51
N LYS A 594 24.37 16.62 -40.59
CA LYS A 594 25.56 16.83 -41.41
C LYS A 594 25.23 17.12 -42.87
N GLU A 595 23.94 17.32 -43.20
CA GLU A 595 23.56 17.58 -44.59
C GLU A 595 24.09 18.93 -45.05
N ARG A 596 24.35 19.05 -46.36
CA ARG A 596 25.10 20.20 -46.87
C ARG A 596 24.43 20.97 -48.01
N GLY A 597 24.18 20.31 -49.15
CA GLY A 597 23.61 21.02 -50.28
C GLY A 597 22.70 20.18 -51.14
N GLU B 15 -4.48 52.99 12.59
CA GLU B 15 -5.79 52.32 12.58
C GLU B 15 -6.01 51.63 11.25
N TRP B 16 -6.57 50.42 11.29
CA TRP B 16 -6.69 49.62 10.08
C TRP B 16 -8.13 49.57 9.63
N THR B 17 -8.31 49.38 8.33
CA THR B 17 -9.58 49.08 7.71
C THR B 17 -9.46 47.73 7.02
N VAL B 18 -10.60 47.15 6.65
CA VAL B 18 -10.58 45.93 5.86
C VAL B 18 -9.89 46.20 4.52
N ASP B 19 -10.18 47.36 3.92
CA ASP B 19 -9.56 47.73 2.66
C ASP B 19 -8.04 47.88 2.79
N LYS B 20 -7.58 48.53 3.85
CA LYS B 20 -6.13 48.70 4.01
C LYS B 20 -5.43 47.36 4.26
N ILE B 21 -6.04 46.48 5.08
CA ILE B 21 -5.47 45.15 5.28
C ILE B 21 -5.48 44.36 3.97
N ALA B 22 -6.62 44.35 3.28
CA ALA B 22 -6.70 43.63 2.01
C ALA B 22 -5.68 44.16 1.01
N SER B 23 -5.50 45.49 0.97
CA SER B 23 -4.50 46.07 0.08
C SER B 23 -3.09 45.60 0.43
N ALA B 24 -2.76 45.51 1.71
CA ALA B 24 -1.43 45.05 2.10
C ALA B 24 -1.26 43.55 1.86
N LEU B 25 -2.34 42.77 2.00
CA LEU B 25 -2.27 41.33 1.71
C LEU B 25 -1.97 41.07 0.24
N SER B 26 -2.61 41.83 -0.67
CA SER B 26 -2.38 41.67 -2.10
C SER B 26 -0.93 41.92 -2.47
N VAL B 27 -0.30 42.90 -1.83
CA VAL B 27 1.11 43.19 -2.10
C VAL B 27 1.98 42.05 -1.57
N LEU B 28 1.75 41.62 -0.34
CA LEU B 28 2.54 40.51 0.19
C LEU B 28 2.37 39.25 -0.66
N ALA B 29 1.18 39.05 -1.22
CA ALA B 29 0.91 37.86 -2.02
C ALA B 29 1.77 37.79 -3.29
N GLU B 30 2.34 38.92 -3.72
CA GLU B 30 3.14 38.93 -4.95
C GLU B 30 4.38 38.06 -4.83
N GLU B 31 4.85 37.81 -3.61
CA GLU B 31 6.04 36.99 -3.46
C GLU B 31 5.76 35.50 -3.66
N VAL B 32 4.50 35.06 -3.61
CA VAL B 32 4.18 33.64 -3.73
C VAL B 32 4.62 33.14 -5.12
N PRO B 33 4.14 33.71 -6.24
CA PRO B 33 4.65 33.22 -7.54
C PRO B 33 6.12 33.51 -7.75
N GLN B 34 6.64 34.62 -7.21
CA GLN B 34 8.08 34.88 -7.31
C GLN B 34 8.88 33.76 -6.66
N ASN B 35 8.49 33.35 -5.44
CA ASN B 35 9.21 32.27 -4.78
C ASN B 35 8.97 30.95 -5.48
N HIS B 36 7.80 30.74 -6.07
CA HIS B 36 7.57 29.51 -6.80
C HIS B 36 8.51 29.41 -8.00
N SER B 37 8.63 30.49 -8.78
CA SER B 37 9.52 30.48 -9.93
C SER B 37 10.97 30.23 -9.52
N ARG B 38 11.42 30.86 -8.43
CA ARG B 38 12.76 30.60 -7.91
C ARG B 38 12.94 29.15 -7.50
N LEU B 39 11.92 28.56 -6.88
CA LEU B 39 12.03 27.18 -6.42
C LEU B 39 12.13 26.21 -7.59
N VAL B 40 11.24 26.33 -8.58
CA VAL B 40 11.27 25.41 -9.71
C VAL B 40 12.56 25.57 -10.50
N ASN B 41 13.00 26.82 -10.71
CA ASN B 41 14.25 27.05 -11.43
C ASN B 41 15.44 26.47 -10.69
N PHE B 42 15.48 26.64 -9.36
CA PHE B 42 16.52 26.00 -8.56
C PHE B 42 16.47 24.47 -8.70
N LEU B 43 15.28 23.88 -8.54
CA LEU B 43 15.20 22.42 -8.64
C LEU B 43 15.56 21.94 -10.04
N LEU B 44 15.13 22.65 -11.08
CA LEU B 44 15.51 22.24 -12.44
C LEU B 44 17.03 22.31 -12.61
N GLU B 45 17.65 23.37 -12.10
CA GLU B 45 19.09 23.55 -12.23
C GLU B 45 19.87 22.48 -11.47
N GLU B 46 19.45 22.15 -10.25
CA GLU B 46 20.06 21.05 -9.52
C GLU B 46 19.91 19.72 -10.25
N THR B 47 18.74 19.48 -10.87
CA THR B 47 18.53 18.19 -11.54
C THR B 47 19.41 18.07 -12.78
N GLU B 48 19.54 19.15 -13.56
CA GLU B 48 20.42 19.13 -14.73
C GLU B 48 21.85 18.82 -14.32
N LYS B 49 22.28 19.33 -13.17
CA LYS B 49 23.65 19.11 -12.71
C LYS B 49 23.88 17.67 -12.27
N ARG B 50 22.83 16.95 -11.87
CA ARG B 50 22.94 15.57 -11.41
C ARG B 50 22.63 14.56 -12.51
N ALA B 51 22.83 14.93 -13.77
CA ALA B 51 22.54 13.99 -14.86
C ALA B 51 23.39 12.74 -14.71
N PRO B 52 22.80 11.55 -14.82
CA PRO B 52 23.58 10.33 -14.63
C PRO B 52 24.44 9.99 -15.83
N GLN B 53 25.67 9.58 -15.57
CA GLN B 53 26.51 9.04 -16.63
C GLN B 53 26.02 7.65 -17.02
N PRO B 54 25.97 7.32 -18.33
CA PRO B 54 25.46 6.00 -18.73
C PRO B 54 26.40 4.91 -18.27
N ARG B 55 25.82 3.83 -17.76
CA ARG B 55 26.61 2.76 -17.17
C ARG B 55 26.49 1.50 -18.01
N HIS B 56 27.39 0.55 -17.72
CA HIS B 56 27.33 -0.80 -18.27
C HIS B 56 27.51 -0.83 -19.78
N LEU B 57 28.27 0.14 -20.30
CA LEU B 57 28.54 0.18 -21.73
C LEU B 57 29.43 -0.99 -22.11
N SER B 58 29.13 -1.62 -23.24
CA SER B 58 30.04 -2.60 -23.80
C SER B 58 31.29 -1.91 -24.35
N LYS B 59 32.39 -2.65 -24.38
CA LYS B 59 33.59 -2.08 -24.94
C LYS B 59 33.54 -2.01 -26.47
N THR B 60 32.71 -2.84 -27.10
CA THR B 60 32.57 -2.87 -28.54
C THR B 60 31.11 -2.72 -28.93
N ASP B 61 30.88 -2.27 -30.17
CA ASP B 61 29.52 -2.10 -30.68
C ASP B 61 28.95 -3.46 -31.12
N PRO B 62 27.93 -3.97 -30.43
CA PRO B 62 27.40 -5.31 -30.78
C PRO B 62 26.64 -5.36 -32.09
N PHE B 63 26.26 -4.23 -32.67
CA PHE B 63 25.51 -4.24 -33.91
C PHE B 63 26.38 -3.97 -35.12
N ALA B 64 27.69 -3.79 -34.93
CA ALA B 64 28.54 -3.27 -35.99
C ALA B 64 28.57 -4.18 -37.21
N HIS B 65 28.52 -5.49 -36.99
CA HIS B 65 28.64 -6.44 -38.09
C HIS B 65 27.33 -6.62 -38.88
N MET B 66 26.22 -6.04 -38.41
CA MET B 66 24.91 -6.30 -39.02
C MET B 66 24.59 -5.26 -40.08
N LYS B 67 24.24 -5.72 -41.28
CA LYS B 67 23.90 -4.81 -42.35
C LYS B 67 22.40 -4.85 -42.58
N SER B 68 21.91 -3.84 -43.30
CA SER B 68 20.53 -3.77 -43.74
C SER B 68 20.09 -5.13 -44.28
N LYS B 69 18.88 -5.53 -43.91
CA LYS B 69 18.27 -6.76 -44.42
C LYS B 69 17.33 -6.51 -45.59
N ALA B 70 17.32 -5.29 -46.14
CA ALA B 70 16.49 -5.02 -47.31
C ALA B 70 16.88 -5.95 -48.45
N ILE B 71 15.88 -6.48 -49.16
CA ILE B 71 16.11 -7.45 -50.22
C ILE B 71 16.44 -6.73 -51.52
N ASP B 72 17.46 -7.23 -52.23
CA ASP B 72 17.84 -6.69 -53.53
C ASP B 72 16.73 -6.83 -54.55
N GLY B 80 10.85 -18.97 -50.04
CA GLY B 80 9.68 -19.07 -49.18
C GLY B 80 9.79 -18.50 -47.77
N VAL B 81 10.55 -17.42 -47.63
CA VAL B 81 10.72 -16.74 -46.36
C VAL B 81 9.61 -15.70 -46.21
N PRO B 82 8.97 -15.57 -45.04
CA PRO B 82 7.99 -14.50 -44.86
C PRO B 82 8.63 -13.13 -44.99
N THR B 83 7.87 -12.21 -45.56
CA THR B 83 8.41 -10.91 -45.94
C THR B 83 7.44 -9.80 -45.54
N MET B 84 7.98 -8.63 -45.17
CA MET B 84 7.18 -7.46 -44.82
C MET B 84 7.72 -6.21 -45.51
N ASP B 85 6.81 -5.27 -45.79
CA ASP B 85 7.11 -4.01 -46.46
C ASP B 85 7.30 -2.87 -45.47
N VAL B 86 8.22 -1.97 -45.82
CA VAL B 86 8.39 -0.68 -45.16
C VAL B 86 8.56 0.38 -46.24
N LYS B 87 7.86 1.49 -46.11
CA LYS B 87 8.01 2.60 -47.04
C LYS B 87 8.57 3.80 -46.29
N PHE B 88 9.67 4.37 -46.82
CA PHE B 88 10.37 5.46 -46.18
C PHE B 88 10.11 6.77 -46.92
N LYS B 89 10.10 7.87 -46.19
CA LYS B 89 10.06 9.20 -46.79
C LYS B 89 11.10 10.08 -46.14
N GLN B 90 11.76 10.89 -46.95
CA GLN B 90 12.77 11.82 -46.47
C GLN B 90 12.18 13.22 -46.37
N HIS B 91 12.64 13.98 -45.38
CA HIS B 91 12.09 15.30 -45.09
C HIS B 91 13.23 16.27 -44.84
N SER B 92 12.98 17.54 -45.18
CA SER B 92 13.93 18.60 -44.82
C SER B 92 13.17 19.91 -44.70
N GLY B 93 13.89 20.93 -44.24
CA GLY B 93 13.32 22.24 -44.04
C GLY B 93 12.74 22.40 -42.65
N GLU B 94 12.26 23.60 -42.37
CA GLU B 94 11.69 23.81 -41.05
C GLU B 94 10.30 23.21 -40.91
N TYR B 95 9.66 22.86 -42.02
CA TYR B 95 8.28 22.40 -41.99
C TYR B 95 8.14 20.90 -42.21
N GLY B 96 9.24 20.18 -42.43
CA GLY B 96 9.15 18.75 -42.69
C GLY B 96 8.54 18.39 -44.03
N LYS B 97 8.76 19.20 -45.07
CA LYS B 97 8.23 18.87 -46.38
C LYS B 97 8.99 17.68 -46.96
N SER B 98 8.23 16.72 -47.50
CA SER B 98 8.82 15.54 -48.11
C SER B 98 9.67 15.90 -49.33
N ARG B 99 10.69 15.08 -49.59
CA ARG B 99 11.47 15.22 -50.81
C ARG B 99 10.80 14.55 -52.01
N ASN B 100 9.97 13.54 -51.76
CA ASN B 100 9.24 12.78 -52.78
C ASN B 100 8.19 11.93 -52.08
N SER B 101 7.53 11.06 -52.83
CA SER B 101 6.43 10.26 -52.27
C SER B 101 6.91 9.07 -51.44
N GLY B 102 8.15 8.64 -51.62
CA GLY B 102 8.64 7.62 -50.72
C GLY B 102 9.02 6.32 -51.42
N ARG B 103 10.01 5.63 -50.87
CA ARG B 103 10.58 4.41 -51.42
C ARG B 103 10.25 3.22 -50.53
N ARG B 104 9.86 2.12 -51.14
CA ARG B 104 9.39 0.94 -50.43
C ARG B 104 10.40 -0.20 -50.56
N PHE B 105 10.63 -0.92 -49.46
CA PHE B 105 11.54 -2.07 -49.43
C PHE B 105 10.86 -3.26 -48.76
N GLN B 106 11.32 -4.46 -49.16
CA GLN B 106 10.87 -5.72 -48.59
C GLN B 106 11.94 -6.27 -47.65
N TYR B 107 11.51 -6.86 -46.54
CA TYR B 107 12.42 -7.36 -45.50
C TYR B 107 12.04 -8.78 -45.13
N PRO B 108 13.00 -9.70 -45.02
CA PRO B 108 12.67 -11.03 -44.48
C PRO B 108 12.36 -10.94 -42.99
N VAL B 109 11.55 -11.87 -42.50
CA VAL B 109 11.07 -11.86 -41.14
C VAL B 109 11.65 -13.06 -40.42
N VAL B 110 12.25 -12.83 -39.26
CA VAL B 110 12.70 -13.91 -38.40
C VAL B 110 11.58 -14.22 -37.40
N CYS B 111 11.04 -15.44 -37.48
CA CYS B 111 9.92 -15.85 -36.66
C CYS B 111 10.41 -16.61 -35.43
N ILE B 112 10.04 -16.14 -34.24
CA ILE B 112 10.50 -16.74 -32.99
C ILE B 112 9.29 -17.14 -32.16
N LYS B 113 9.15 -18.41 -31.91
CA LYS B 113 8.09 -18.92 -31.05
C LYS B 113 8.54 -18.86 -29.58
N PRO B 114 7.65 -18.58 -28.65
CA PRO B 114 8.01 -18.72 -27.23
C PRO B 114 7.93 -20.18 -26.80
N ASP B 115 8.66 -20.49 -25.73
CA ASP B 115 8.81 -21.86 -25.26
C ASP B 115 7.93 -22.18 -24.07
N ARG B 116 7.09 -21.24 -23.63
CA ARG B 116 6.30 -21.44 -22.43
C ARG B 116 4.95 -20.77 -22.58
N GLU B 117 3.91 -21.44 -22.12
CA GLU B 117 2.59 -20.84 -22.00
C GLU B 117 2.48 -19.99 -20.74
N PRO B 118 1.55 -19.04 -20.72
CA PRO B 118 1.31 -18.30 -19.48
C PRO B 118 0.59 -19.18 -18.47
N VAL B 119 0.77 -18.84 -17.19
CA VAL B 119 0.03 -19.48 -16.11
C VAL B 119 -1.43 -19.06 -16.23
N PRO B 120 -2.36 -19.76 -15.59
CA PRO B 120 -3.76 -19.30 -15.65
C PRO B 120 -3.92 -17.90 -15.06
N ILE B 121 -4.97 -17.24 -15.51
CA ILE B 121 -5.19 -15.82 -15.24
C ILE B 121 -5.55 -15.60 -13.78
N TYR B 122 -5.19 -14.42 -13.26
CA TYR B 122 -5.62 -14.07 -11.90
C TYR B 122 -5.54 -12.56 -11.74
N TYR B 123 -6.19 -12.06 -10.70
CA TYR B 123 -6.13 -10.66 -10.30
C TYR B 123 -5.63 -10.54 -8.87
N PHE B 124 -4.77 -9.55 -8.63
CA PHE B 124 -4.17 -9.21 -7.35
C PHE B 124 -3.09 -10.18 -6.95
N HIS B 125 -2.27 -9.78 -6.00
CA HIS B 125 -1.30 -10.68 -5.41
C HIS B 125 -1.98 -11.46 -4.29
N HIS B 126 -1.97 -12.78 -4.40
CA HIS B 126 -2.70 -13.64 -3.48
C HIS B 126 -1.75 -13.98 -2.34
N ALA B 127 -2.05 -13.49 -1.14
CA ALA B 127 -1.15 -13.69 -0.02
C ALA B 127 -1.83 -14.57 1.01
N GLU B 128 -1.01 -15.37 1.68
CA GLU B 128 -1.50 -16.34 2.65
C GLU B 128 -1.61 -15.71 4.03
N ILE B 129 -2.74 -15.97 4.71
CA ILE B 129 -2.90 -15.63 6.12
C ILE B 129 -3.20 -16.89 6.93
N ARG B 130 -2.64 -16.95 8.13
CA ARG B 130 -2.84 -18.06 9.04
C ARG B 130 -4.29 -18.11 9.54
N LYS B 131 -4.88 -16.95 9.86
CA LYS B 131 -6.27 -16.88 10.30
C LYS B 131 -6.96 -15.69 9.66
N ASN B 132 -8.30 -15.69 9.74
CA ASN B 132 -9.09 -14.59 9.20
C ASN B 132 -8.60 -13.26 9.75
N ILE B 133 -8.67 -12.21 8.92
CA ILE B 133 -8.29 -10.87 9.36
C ILE B 133 -9.48 -9.92 9.16
N LEU B 134 -9.52 -8.89 9.99
CA LEU B 134 -10.65 -7.96 10.01
C LEU B 134 -10.35 -6.79 9.09
N ALA B 135 -11.16 -6.61 8.05
CA ALA B 135 -11.01 -5.49 7.14
C ALA B 135 -11.65 -4.23 7.69
N LEU B 136 -11.07 -3.08 7.35
CA LEU B 136 -11.74 -1.80 7.50
C LEU B 136 -12.69 -1.57 6.33
N ASN B 137 -13.73 -0.78 6.57
CA ASN B 137 -14.58 -0.34 5.46
C ASN B 137 -13.81 0.58 4.53
N SER B 138 -14.04 0.43 3.23
CA SER B 138 -13.33 1.20 2.23
C SER B 138 -14.26 2.18 1.53
N GLN B 139 -13.69 3.28 1.04
CA GLN B 139 -14.43 4.25 0.25
C GLN B 139 -14.54 3.80 -1.20
N LEU B 140 -15.65 4.15 -1.83
CA LEU B 140 -15.79 4.04 -3.29
C LEU B 140 -15.25 5.32 -3.91
N ASN B 141 -14.07 5.25 -4.51
CA ASN B 141 -13.49 6.41 -5.17
C ASN B 141 -13.66 6.34 -6.70
N PRO B 179 -19.76 13.81 -5.57
CA PRO B 179 -19.74 14.38 -6.92
C PRO B 179 -18.32 14.65 -7.41
N ARG B 180 -18.06 14.32 -8.68
CA ARG B 180 -16.72 14.51 -9.23
C ARG B 180 -16.32 15.98 -9.24
N SER B 181 -17.26 16.88 -9.54
CA SER B 181 -16.91 18.30 -9.57
C SER B 181 -16.52 18.81 -8.19
N GLN B 182 -17.08 18.23 -7.13
CA GLN B 182 -16.71 18.59 -5.76
C GLN B 182 -15.36 18.00 -5.38
N LYS B 183 -15.08 16.77 -5.81
CA LYS B 183 -13.76 16.18 -5.58
C LYS B 183 -12.67 17.07 -6.17
N ILE B 184 -12.84 17.47 -7.43
CA ILE B 184 -11.78 18.22 -8.13
C ILE B 184 -11.55 19.57 -7.48
N ALA B 185 -12.63 20.27 -7.13
CA ALA B 185 -12.48 21.61 -6.60
C ALA B 185 -11.87 21.58 -5.21
N LYS B 186 -12.25 20.58 -4.40
CA LYS B 186 -11.68 20.48 -3.06
C LYS B 186 -10.18 20.19 -3.11
N ARG B 187 -9.75 19.32 -4.04
CA ARG B 187 -8.32 19.05 -4.20
C ARG B 187 -7.56 20.31 -4.62
N ALA B 188 -8.14 21.09 -5.53
CA ALA B 188 -7.48 22.31 -5.98
C ALA B 188 -7.33 23.29 -4.82
N GLN B 189 -8.37 23.39 -3.99
CA GLN B 189 -8.34 24.28 -2.83
C GLN B 189 -7.35 23.78 -1.79
N ALA B 190 -7.29 22.45 -1.60
CA ALA B 190 -6.35 21.91 -0.63
C ALA B 190 -4.91 22.23 -1.03
N GLU B 191 -4.59 22.17 -2.33
CA GLU B 191 -3.23 22.50 -2.77
C GLU B 191 -2.94 23.99 -2.54
N TYR B 192 -3.91 24.84 -2.85
CA TYR B 192 -3.70 26.27 -2.62
C TYR B 192 -3.56 26.57 -1.14
N ALA B 193 -4.38 25.93 -0.29
CA ALA B 193 -4.27 26.16 1.14
C ALA B 193 -2.88 25.77 1.65
N ALA B 194 -2.35 24.64 1.16
CA ALA B 194 -1.04 24.21 1.61
C ALA B 194 0.05 25.16 1.14
N THR B 195 -0.13 25.73 -0.07
CA THR B 195 0.81 26.73 -0.56
C THR B 195 0.82 27.97 0.32
N LEU B 196 -0.36 28.50 0.65
CA LEU B 196 -0.43 29.75 1.39
C LEU B 196 -0.11 29.60 2.87
N ALA B 197 -0.33 28.41 3.45
CA ALA B 197 -0.20 28.26 4.89
C ALA B 197 1.15 28.71 5.46
N PRO B 198 2.30 28.44 4.83
CA PRO B 198 3.55 28.91 5.44
C PRO B 198 3.77 30.41 5.35
N TYR B 199 2.93 31.13 4.61
CA TYR B 199 3.06 32.58 4.52
C TYR B 199 2.34 33.32 5.63
N LEU B 200 1.39 32.66 6.32
CA LEU B 200 0.53 33.39 7.26
C LEU B 200 1.35 34.04 8.38
N GLU B 201 2.24 33.28 9.02
CA GLU B 201 2.92 33.87 10.17
C GLU B 201 3.96 34.92 9.77
N PRO B 202 4.80 34.68 8.76
CA PRO B 202 5.70 35.78 8.31
C PRO B 202 4.95 37.02 7.87
N TRP B 203 3.81 36.88 7.18
CA TRP B 203 3.01 38.05 6.81
C TRP B 203 2.42 38.72 8.04
N LEU B 204 1.93 37.93 9.01
CA LEU B 204 1.42 38.51 10.25
C LEU B 204 2.51 39.29 10.97
N ARG B 205 3.73 38.73 11.04
CA ARG B 205 4.82 39.45 11.69
C ARG B 205 5.17 40.72 10.94
N LYS B 206 5.11 40.68 9.61
CA LYS B 206 5.38 41.88 8.84
C LYS B 206 4.31 42.94 9.06
N LEU B 207 3.03 42.54 9.12
CA LEU B 207 1.98 43.55 9.29
C LEU B 207 1.96 44.09 10.72
N ASN B 208 2.26 43.25 11.71
CA ASN B 208 2.38 43.66 13.11
C ASN B 208 1.15 44.45 13.57
N ILE B 209 -0.02 43.90 13.27
CA ILE B 209 -1.29 44.49 13.70
C ILE B 209 -1.67 43.88 15.05
N GLU B 210 -2.04 44.75 15.99
CA GLU B 210 -2.40 44.32 17.34
C GLU B 210 -3.56 43.33 17.29
N GLY B 211 -3.39 42.18 17.94
CA GLY B 211 -4.42 41.16 17.95
C GLY B 211 -4.53 40.30 16.71
N CYS B 212 -3.73 40.58 15.67
CA CYS B 212 -3.69 39.71 14.49
C CYS B 212 -2.59 38.69 14.73
N THR B 213 -2.96 37.71 15.51
CA THR B 213 -2.10 36.64 15.97
C THR B 213 -2.71 35.34 15.44
N LYS B 214 -1.86 34.39 15.05
CA LYS B 214 -2.37 33.10 14.65
C LYS B 214 -3.33 32.54 15.69
N SER B 215 -2.96 32.65 16.97
CA SER B 215 -3.82 32.21 18.06
C SER B 215 -5.11 33.01 18.14
N ASN B 216 -5.03 34.32 17.93
CA ASN B 216 -6.23 35.12 18.04
C ASN B 216 -7.14 34.95 16.84
N LEU B 217 -6.56 34.65 15.66
CA LEU B 217 -7.37 34.33 14.50
C LEU B 217 -8.11 33.01 14.70
N ILE B 218 -7.47 32.05 15.39
CA ILE B 218 -8.12 30.80 15.72
C ILE B 218 -9.25 31.02 16.71
N ARG B 219 -9.03 31.87 17.72
CA ARG B 219 -10.10 32.23 18.65
C ARG B 219 -11.25 32.87 17.91
N PHE B 220 -10.96 33.76 16.96
CA PHE B 220 -12.03 34.42 16.21
C PHE B 220 -12.83 33.41 15.43
N MET B 221 -12.15 32.48 14.75
CA MET B 221 -12.82 31.45 13.98
C MET B 221 -13.78 30.63 14.85
N ALA B 222 -13.31 30.16 16.01
CA ALA B 222 -14.14 29.34 16.89
C ALA B 222 -15.38 30.08 17.40
N SER B 223 -15.37 31.42 17.40
CA SER B 223 -16.49 32.18 17.93
C SER B 223 -17.50 32.57 16.86
N GLN B 224 -17.21 32.32 15.59
CA GLN B 224 -18.05 32.65 14.46
C GLN B 224 -19.15 31.62 14.25
N PRO B 225 -20.30 32.03 13.66
CA PRO B 225 -21.39 31.08 13.39
C PRO B 225 -20.99 29.88 12.55
N GLU B 226 -20.09 30.06 11.57
CA GLU B 226 -19.67 28.95 10.70
C GLU B 226 -19.09 27.78 11.47
N SER B 227 -18.77 27.95 12.76
CA SER B 227 -18.24 26.88 13.59
C SER B 227 -19.33 26.04 14.25
N ASP B 228 -20.61 26.42 14.09
CA ASP B 228 -21.69 25.51 14.45
C ASP B 228 -21.94 24.48 13.36
N ASP B 229 -21.66 24.85 12.10
CA ASP B 229 -21.70 23.91 10.98
C ASP B 229 -20.45 23.05 10.92
N SER B 230 -19.29 23.66 11.13
CA SER B 230 -18.00 23.01 10.91
C SER B 230 -17.47 22.28 12.15
N MET B 231 -18.05 22.52 13.32
CA MET B 231 -17.54 21.93 14.55
C MET B 231 -18.68 21.29 15.32
N THR B 232 -18.35 20.80 16.50
CA THR B 232 -19.30 20.10 17.37
C THR B 232 -18.90 20.39 18.80
N PRO B 233 -19.83 20.25 19.75
CA PRO B 233 -19.45 20.27 21.17
C PRO B 233 -18.36 19.27 21.47
N GLN B 234 -17.58 19.56 22.52
CA GLN B 234 -16.34 18.89 22.89
C GLN B 234 -15.19 19.29 21.96
N GLN B 235 -15.45 19.34 20.66
CA GLN B 235 -14.49 19.98 19.76
C GLN B 235 -14.28 21.44 20.14
N LYS B 236 -15.37 22.17 20.41
CA LYS B 236 -15.24 23.51 20.97
C LYS B 236 -14.57 23.47 22.34
N SER B 237 -14.84 22.43 23.13
CA SER B 237 -14.21 22.34 24.45
C SER B 237 -12.70 22.20 24.32
N ASN B 238 -12.24 21.28 23.48
CA ASN B 238 -10.80 21.07 23.32
C ASN B 238 -10.11 22.33 22.84
N LEU B 239 -10.76 23.09 21.94
CA LEU B 239 -10.19 24.34 21.45
C LEU B 239 -10.06 25.35 22.59
N LEU B 240 -11.17 25.64 23.27
CA LEU B 240 -11.15 26.60 24.36
C LEU B 240 -10.38 26.11 25.57
N ASP B 241 -9.89 24.87 25.57
CA ASP B 241 -8.90 24.48 26.56
C ASP B 241 -7.49 24.86 26.12
N THR B 242 -7.23 24.86 24.81
CA THR B 242 -5.92 25.28 24.32
C THR B 242 -5.84 26.80 24.15
N TYR B 243 -6.93 27.44 23.73
CA TYR B 243 -6.89 28.84 23.36
C TYR B 243 -7.74 29.76 24.25
N SER B 244 -8.84 29.25 24.81
CA SER B 244 -9.84 30.05 25.53
C SER B 244 -10.51 31.06 24.61
N ASP B 245 -11.42 31.87 25.14
CA ASP B 245 -12.19 32.79 24.29
C ASP B 245 -11.80 34.25 24.45
N ASP B 246 -10.98 34.62 25.44
CA ASP B 246 -10.53 36.01 25.57
C ASP B 246 -9.60 36.35 24.41
N MET B 247 -9.98 37.36 23.65
CA MET B 247 -9.24 37.79 22.48
C MET B 247 -8.43 39.06 22.73
N GLY B 248 -8.39 39.54 23.97
CA GLY B 248 -7.71 40.79 24.27
C GLY B 248 -8.61 42.00 24.19
N SER B 249 -8.01 43.14 23.89
CA SER B 249 -8.71 44.41 23.90
C SER B 249 -9.78 44.48 22.81
N PRO B 250 -10.73 45.43 22.93
CA PRO B 250 -11.71 45.61 21.86
C PRO B 250 -11.09 45.84 20.50
N GLN B 251 -10.02 46.64 20.44
CA GLN B 251 -9.35 46.87 19.16
C GLN B 251 -8.70 45.60 18.63
N ALA B 252 -8.18 44.74 19.51
CA ALA B 252 -7.60 43.48 19.08
C ALA B 252 -8.66 42.57 18.48
N VAL B 253 -9.86 42.54 19.08
CA VAL B 253 -10.97 41.77 18.52
C VAL B 253 -11.36 42.32 17.15
N ARG B 254 -11.45 43.65 17.04
CA ARG B 254 -11.84 44.28 15.78
C ARG B 254 -10.80 44.04 14.70
N ASN B 255 -9.51 44.11 15.05
CA ASN B 255 -8.45 43.84 14.08
C ASN B 255 -8.54 42.40 13.56
N ALA B 256 -8.73 41.44 14.47
CA ALA B 256 -8.80 40.03 14.07
C ALA B 256 -9.96 39.80 13.12
N SER B 257 -11.08 40.47 13.39
CA SER B 257 -12.26 40.39 12.52
C SER B 257 -12.00 41.02 11.17
N MET B 258 -11.32 42.17 11.14
CA MET B 258 -11.06 42.83 9.86
C MET B 258 -10.04 42.04 9.06
N PHE B 259 -9.06 41.45 9.74
CA PHE B 259 -8.08 40.63 9.04
C PHE B 259 -8.74 39.42 8.38
N THR B 260 -9.63 38.75 9.09
CA THR B 260 -10.31 37.58 8.52
C THR B 260 -11.11 37.98 7.28
N GLU B 261 -11.85 39.09 7.37
CA GLU B 261 -12.63 39.56 6.24
C GLU B 261 -11.73 39.92 5.06
N ALA B 262 -10.67 40.67 5.32
CA ALA B 262 -9.75 41.04 4.24
C ALA B 262 -9.07 39.82 3.64
N TRP B 263 -8.78 38.79 4.46
CA TRP B 263 -8.18 37.59 3.91
C TRP B 263 -9.15 36.90 2.96
N ASP B 264 -10.38 36.72 3.41
CA ASP B 264 -11.36 36.01 2.61
C ASP B 264 -11.73 36.82 1.37
N ARG B 265 -11.61 38.15 1.43
CA ARG B 265 -11.85 38.96 0.25
C ARG B 265 -10.75 38.78 -0.79
N VAL B 266 -9.49 38.61 -0.35
CA VAL B 266 -8.37 38.54 -1.30
C VAL B 266 -8.12 37.12 -1.79
N PHE B 267 -8.27 36.11 -0.93
CA PHE B 267 -7.92 34.73 -1.28
C PHE B 267 -9.12 33.79 -1.43
N ASN B 268 -10.32 34.22 -1.04
CA ASN B 268 -11.49 33.36 -1.09
C ASN B 268 -12.57 33.91 -2.02
N ASP B 269 -12.16 34.53 -3.12
CA ASP B 269 -13.12 34.95 -4.14
C ASP B 269 -13.98 33.76 -4.58
N GLN B 270 -15.30 33.96 -4.54
CA GLN B 270 -16.23 32.89 -4.90
C GLN B 270 -16.21 32.56 -6.39
N SER B 271 -15.73 33.48 -7.25
CA SER B 271 -15.68 33.22 -8.68
C SER B 271 -14.62 32.18 -9.03
N LYS B 272 -13.57 32.07 -8.21
CA LYS B 272 -12.41 31.27 -8.56
C LYS B 272 -12.55 29.83 -8.08
N LEU B 273 -11.87 28.92 -8.78
CA LEU B 273 -11.78 27.53 -8.31
C LEU B 273 -10.70 27.39 -7.24
N ARG B 274 -9.54 28.03 -7.46
CA ARG B 274 -8.41 27.94 -6.52
C ARG B 274 -8.57 29.09 -5.52
N ARG B 275 -9.24 28.80 -4.41
CA ARG B 275 -9.58 29.79 -3.41
C ARG B 275 -9.43 29.14 -2.04
N VAL B 276 -9.18 29.96 -1.02
CA VAL B 276 -9.03 29.43 0.33
C VAL B 276 -9.50 30.47 1.35
N ALA B 277 -10.42 30.05 2.21
CA ALA B 277 -10.79 30.81 3.38
C ALA B 277 -9.70 30.70 4.44
N LEU B 278 -9.54 31.77 5.23
CA LEU B 278 -8.60 31.74 6.35
C LEU B 278 -8.84 30.52 7.23
N ARG B 279 -10.11 30.24 7.52
CA ARG B 279 -10.51 29.06 8.29
C ARG B 279 -9.83 27.80 7.77
N ASP B 280 -9.73 27.64 6.44
CA ASP B 280 -9.12 26.43 5.90
C ASP B 280 -7.65 26.35 6.28
N ILE B 281 -6.96 27.49 6.25
CA ILE B 281 -5.55 27.54 6.63
C ILE B 281 -5.38 27.27 8.12
N LEU B 282 -6.28 27.83 8.95
CA LEU B 282 -6.18 27.65 10.40
C LEU B 282 -6.43 26.19 10.80
N MET B 283 -7.25 25.46 10.05
CA MET B 283 -7.50 24.05 10.37
C MET B 283 -6.26 23.19 10.14
N LEU B 284 -5.33 23.63 9.30
CA LEU B 284 -4.08 22.90 9.10
C LEU B 284 -3.09 23.08 10.25
N ASP B 285 -3.42 23.88 11.26
CA ASP B 285 -2.49 24.16 12.36
C ASP B 285 -2.30 22.90 13.22
N LYS B 286 -1.04 22.59 13.54
CA LYS B 286 -0.77 21.33 14.25
C LYS B 286 -1.38 21.28 15.65
N ASN B 287 -1.85 22.40 16.21
CA ASN B 287 -2.57 22.34 17.48
C ASN B 287 -4.08 22.36 17.31
N VAL B 288 -4.57 22.54 16.09
CA VAL B 288 -5.99 22.56 15.80
C VAL B 288 -6.43 21.22 15.21
N GLU B 289 -5.72 20.76 14.19
CA GLU B 289 -6.05 19.52 13.49
C GLU B 289 -6.29 18.32 14.41
N PRO B 290 -5.44 18.04 15.41
CA PRO B 290 -5.74 16.93 16.31
C PRO B 290 -7.12 17.00 16.94
N ILE B 291 -7.62 18.20 17.25
CA ILE B 291 -8.94 18.34 17.83
C ILE B 291 -10.00 17.75 16.93
N PHE B 292 -9.78 17.76 15.62
CA PHE B 292 -10.70 17.25 14.62
C PHE B 292 -10.23 15.90 14.06
N ASP B 293 -9.85 15.01 14.98
CA ASP B 293 -9.30 13.69 14.68
C ASP B 293 -9.86 12.72 15.73
N ASN B 294 -10.74 11.83 15.29
CA ASN B 294 -11.55 11.01 16.17
C ASN B 294 -10.92 9.66 16.51
N LYS B 295 -9.60 9.51 16.29
CA LYS B 295 -8.92 8.25 16.59
C LYS B 295 -8.54 8.22 18.07
N ARG B 296 -9.53 7.93 18.90
CA ARG B 296 -9.35 7.88 20.34
C ARG B 296 -9.79 6.52 20.85
N ALA B 297 -8.99 5.97 21.76
CA ALA B 297 -9.24 4.64 22.31
C ALA B 297 -10.22 4.67 23.48
N LYS B 298 -10.13 5.67 24.37
CA LYS B 298 -10.92 5.64 25.61
C LYS B 298 -12.08 6.63 25.65
N LEU B 311 -10.82 4.48 46.13
CA LEU B 311 -9.52 3.97 45.70
C LEU B 311 -9.67 3.31 44.34
N MET B 312 -10.85 2.74 44.13
CA MET B 312 -11.10 1.96 42.91
C MET B 312 -11.08 2.85 41.68
N GLN B 313 -11.64 4.06 41.79
CA GLN B 313 -11.69 4.93 40.61
C GLN B 313 -10.29 5.32 40.17
N LYS B 314 -9.34 5.40 41.11
CA LYS B 314 -7.96 5.61 40.71
C LYS B 314 -7.43 4.43 39.91
N VAL B 315 -7.73 3.21 40.37
CA VAL B 315 -7.26 2.01 39.69
C VAL B 315 -8.01 1.80 38.38
N ILE B 316 -9.33 2.07 38.38
CA ILE B 316 -10.11 1.91 37.16
C ILE B 316 -9.51 2.76 36.04
N ASP B 317 -9.15 4.00 36.35
CA ASP B 317 -8.58 4.87 35.33
C ASP B 317 -7.15 4.48 34.99
N ALA B 318 -6.41 3.91 35.95
CA ALA B 318 -5.03 3.55 35.67
C ALA B 318 -4.92 2.41 34.66
N LEU B 319 -5.87 1.49 34.68
CA LEU B 319 -5.87 0.32 33.78
C LEU B 319 -6.72 0.54 32.53
N GLY B 320 -7.19 1.77 32.31
CA GLY B 320 -8.19 2.00 31.27
C GLY B 320 -7.75 1.59 29.89
N SER B 321 -6.48 1.82 29.54
CA SER B 321 -6.02 1.42 28.21
C SER B 321 -6.10 -0.09 28.04
N TYR B 322 -5.76 -0.83 29.09
CA TYR B 322 -5.76 -2.28 29.03
C TYR B 322 -7.19 -2.84 29.10
N THR B 323 -8.06 -2.25 29.91
CA THR B 323 -9.45 -2.71 29.96
C THR B 323 -10.17 -2.42 28.65
N THR B 324 -9.74 -1.41 27.91
CA THR B 324 -10.43 -0.97 26.72
C THR B 324 -9.96 -1.69 25.46
N LEU B 325 -8.67 -1.95 25.31
CA LEU B 325 -8.14 -2.53 24.08
C LEU B 325 -7.74 -4.00 24.18
N GLY B 326 -7.59 -4.53 25.39
CA GLY B 326 -7.14 -5.90 25.56
C GLY B 326 -8.15 -6.96 25.17
N CYS B 327 -7.90 -7.67 24.06
CA CYS B 327 -8.82 -8.70 23.58
C CYS B 327 -9.00 -9.83 24.57
N LEU B 328 -10.25 -10.21 24.79
CA LEU B 328 -10.56 -11.33 25.68
C LEU B 328 -10.15 -12.66 25.06
N ILE B 329 -10.10 -12.74 23.74
CA ILE B 329 -9.86 -14.00 23.05
C ILE B 329 -8.37 -14.22 22.84
N CYS B 330 -7.70 -13.27 22.18
CA CYS B 330 -6.31 -13.45 21.76
C CYS B 330 -5.32 -12.62 22.56
N PHE B 331 -5.79 -11.77 23.49
CA PHE B 331 -4.96 -11.05 24.44
C PHE B 331 -4.08 -9.98 23.80
N SER B 332 -4.30 -9.66 22.54
CA SER B 332 -3.61 -8.53 21.93
C SER B 332 -4.48 -7.27 22.03
N HIS B 333 -3.82 -6.11 21.90
CA HIS B 333 -4.51 -4.82 21.99
C HIS B 333 -4.85 -4.21 20.66
N ASP B 334 -4.37 -4.80 19.56
CA ASP B 334 -4.86 -4.49 18.23
C ASP B 334 -4.85 -5.81 17.46
N CYS B 335 -6.02 -6.29 17.06
CA CYS B 335 -6.11 -7.67 16.57
C CYS B 335 -7.28 -7.77 15.62
N GLU B 336 -7.67 -9.01 15.28
CA GLU B 336 -8.72 -9.28 14.29
C GLU B 336 -10.11 -9.42 14.90
N HIS B 337 -10.21 -9.33 16.22
CA HIS B 337 -11.50 -9.48 16.89
C HIS B 337 -12.14 -8.12 17.11
N GLY B 338 -13.41 -8.13 17.48
CA GLY B 338 -14.13 -6.91 17.67
C GLY B 338 -14.97 -6.56 16.46
N GLU B 339 -15.57 -5.39 16.51
CA GLU B 339 -16.51 -4.96 15.48
C GLU B 339 -16.06 -3.62 14.92
N ILE B 340 -16.10 -3.51 13.59
CA ILE B 340 -15.80 -2.27 12.89
C ILE B 340 -17.11 -1.55 12.61
N GLU B 341 -17.21 -0.30 13.07
CA GLU B 341 -18.36 0.53 12.77
C GLU B 341 -18.20 1.19 11.40
N ARG B 342 -19.28 1.85 10.95
CA ARG B 342 -19.33 2.36 9.59
C ARG B 342 -18.24 3.37 9.30
N ASP B 343 -17.86 4.19 10.29
CA ASP B 343 -16.76 5.13 10.13
C ASP B 343 -15.40 4.55 10.50
N ASN B 344 -15.29 3.22 10.64
CA ASN B 344 -14.05 2.52 10.95
C ASN B 344 -13.54 2.76 12.37
N GLN B 345 -14.35 3.36 13.23
CA GLN B 345 -14.09 3.24 14.66
C GLN B 345 -14.37 1.81 15.10
N LYS B 346 -13.60 1.34 16.07
CA LYS B 346 -13.63 -0.06 16.43
C LYS B 346 -14.08 -0.24 17.88
N ARG B 347 -15.02 -1.16 18.10
CA ARG B 347 -15.30 -1.66 19.44
C ARG B 347 -14.54 -2.97 19.62
N CYS B 348 -13.50 -2.92 20.45
CA CYS B 348 -12.69 -4.09 20.75
C CYS B 348 -13.48 -5.11 21.56
N PHE B 349 -13.18 -6.39 21.34
CA PHE B 349 -13.80 -7.45 22.14
C PHE B 349 -13.08 -7.50 23.49
N SER B 350 -13.49 -6.57 24.36
CA SER B 350 -12.71 -6.01 25.45
C SER B 350 -13.37 -6.28 26.80
N LEU B 351 -12.58 -6.09 27.87
CA LEU B 351 -13.19 -6.04 29.20
C LEU B 351 -14.31 -5.00 29.27
N GLU B 352 -14.17 -3.88 28.56
CA GLU B 352 -15.19 -2.82 28.61
C GLU B 352 -16.51 -3.27 27.98
N GLU B 353 -16.50 -4.28 27.12
CA GLU B 353 -17.76 -4.76 26.57
C GLU B 353 -18.49 -5.70 27.51
N ILE B 354 -17.85 -6.16 28.59
CA ILE B 354 -18.52 -6.92 29.63
C ILE B 354 -18.47 -6.17 30.96
N GLY B 355 -18.55 -4.84 30.89
CA GLY B 355 -18.75 -4.04 32.08
C GLY B 355 -17.52 -3.40 32.68
N GLY B 356 -16.37 -3.49 32.03
CA GLY B 356 -15.17 -2.90 32.57
C GLY B 356 -14.60 -3.72 33.70
N LEU B 357 -13.73 -3.06 34.47
CA LEU B 357 -12.92 -3.78 35.45
C LEU B 357 -13.75 -4.32 36.61
N MET B 358 -14.77 -3.58 37.06
CA MET B 358 -15.33 -3.86 38.38
C MET B 358 -16.18 -5.14 38.41
N PRO B 359 -17.13 -5.38 37.50
CA PRO B 359 -17.93 -6.62 37.59
C PRO B 359 -17.09 -7.89 37.60
N SER B 360 -15.99 -7.94 36.85
CA SER B 360 -15.12 -9.12 36.90
C SER B 360 -14.30 -9.15 38.19
N LEU B 361 -13.78 -8.00 38.61
CA LEU B 361 -12.94 -7.93 39.81
C LEU B 361 -13.75 -8.24 41.07
N ARG B 362 -14.97 -7.71 41.18
CA ARG B 362 -15.81 -8.02 42.33
C ARG B 362 -16.06 -9.51 42.43
N ARG B 363 -16.28 -10.17 41.29
CA ARG B 363 -16.49 -11.62 41.31
C ARG B 363 -15.21 -12.33 41.73
N LYS B 364 -14.04 -11.81 41.34
CA LYS B 364 -12.78 -12.39 41.79
C LYS B 364 -12.68 -12.31 43.30
N TRP B 365 -12.96 -11.14 43.88
CA TRP B 365 -12.87 -10.96 45.32
C TRP B 365 -13.80 -11.93 46.05
N ALA B 366 -15.04 -12.04 45.58
CA ALA B 366 -16.01 -12.91 46.25
C ALA B 366 -15.58 -14.36 46.19
N ALA B 367 -15.17 -14.83 45.00
CA ALA B 367 -14.66 -16.19 44.87
C ALA B 367 -13.44 -16.41 45.73
N GLN B 368 -12.72 -15.35 46.08
CA GLN B 368 -11.59 -15.48 46.99
C GLN B 368 -12.06 -15.60 48.44
N ILE B 369 -13.04 -14.78 48.84
CA ILE B 369 -13.51 -14.81 50.23
C ILE B 369 -14.12 -16.16 50.56
N GLU B 370 -14.84 -16.77 49.59
CA GLU B 370 -15.32 -18.14 49.76
C GLU B 370 -14.17 -19.10 49.48
N GLN B 371 -13.23 -19.13 50.44
CA GLN B 371 -12.08 -20.03 50.41
C GLN B 371 -11.34 -19.97 51.74
N HIS B 386 6.02 -19.67 46.66
CA HIS B 386 6.25 -19.95 48.08
C HIS B 386 7.57 -19.37 48.62
N PRO B 387 8.72 -19.68 48.02
CA PRO B 387 9.98 -19.20 48.59
C PRO B 387 10.02 -17.69 48.62
N PRO B 388 10.68 -17.09 49.61
CA PRO B 388 10.83 -15.64 49.62
C PRO B 388 11.55 -15.17 48.37
N CYS B 389 11.35 -13.89 48.04
CA CYS B 389 12.02 -13.39 46.85
C CYS B 389 13.47 -13.01 47.18
N ARG B 390 14.30 -13.00 46.14
CA ARG B 390 15.72 -12.68 46.25
C ARG B 390 15.99 -11.17 46.19
N ASN B 391 15.09 -10.35 46.73
CA ASN B 391 15.18 -8.88 46.65
C ASN B 391 15.01 -8.26 48.03
N GLU B 392 15.72 -8.82 49.03
CA GLU B 392 15.59 -8.40 50.41
C GLU B 392 14.14 -8.50 50.88
N CYS B 393 13.61 -9.74 50.81
CA CYS B 393 12.18 -9.97 50.95
C CYS B 393 11.65 -9.49 52.30
N TYR B 394 10.49 -8.85 52.27
CA TYR B 394 9.84 -8.40 53.50
C TYR B 394 9.55 -9.56 54.44
N ARG B 395 9.39 -10.77 53.90
CA ARG B 395 9.14 -11.93 54.74
C ARG B 395 10.34 -12.31 55.58
N ILE B 396 11.47 -11.61 55.41
CA ILE B 396 12.62 -11.78 56.28
C ILE B 396 12.96 -10.45 56.96
N HIS B 397 12.75 -9.33 56.26
CA HIS B 397 12.97 -8.01 56.84
C HIS B 397 11.64 -7.38 57.27
N GLY B 398 11.47 -6.07 57.07
CA GLY B 398 10.18 -5.44 57.30
C GLY B 398 10.29 -4.10 58.00
N VAL B 406 15.20 5.83 52.75
CA VAL B 406 14.80 5.30 51.44
C VAL B 406 14.28 6.42 50.54
N PRO B 407 14.64 6.37 49.25
CA PRO B 407 14.21 7.42 48.30
C PRO B 407 12.72 7.65 48.35
N PRO B 408 12.27 8.91 48.32
CA PRO B 408 10.84 9.20 48.36
C PRO B 408 10.12 8.59 47.15
N TRP B 409 8.90 8.13 47.39
CA TRP B 409 8.08 7.51 46.35
C TRP B 409 7.45 8.58 45.47
N SER B 410 7.49 8.37 44.16
CA SER B 410 6.73 9.22 43.25
C SER B 410 5.26 8.80 43.25
N GLU B 411 4.44 9.58 42.55
CA GLU B 411 3.03 9.22 42.43
C GLU B 411 2.87 7.99 41.55
N ASN B 412 3.66 7.87 40.49
CA ASN B 412 3.62 6.68 39.66
C ASN B 412 3.90 5.41 40.47
N GLU B 413 4.85 5.50 41.42
CA GLU B 413 5.22 4.32 42.20
C GLU B 413 4.12 3.91 43.18
N VAL B 414 3.47 4.88 43.82
CA VAL B 414 2.38 4.53 44.74
C VAL B 414 1.18 4.04 43.95
N GLY B 415 0.91 4.67 42.79
CA GLY B 415 -0.13 4.16 41.91
C GLY B 415 0.10 2.71 41.51
N THR B 416 1.34 2.38 41.12
CA THR B 416 1.69 1.00 40.78
C THR B 416 1.31 0.04 41.91
N LEU B 417 1.63 0.42 43.15
CA LEU B 417 1.35 -0.43 44.30
C LEU B 417 -0.14 -0.54 44.58
N GLU B 418 -0.90 0.52 44.28
CA GLU B 418 -2.35 0.49 44.46
C GLU B 418 -3.01 -0.55 43.57
N TRP B 419 -2.76 -0.49 42.25
CA TRP B 419 -3.51 -1.37 41.35
C TRP B 419 -3.01 -2.80 41.42
N MET B 420 -1.73 -3.00 41.74
CA MET B 420 -1.28 -4.36 42.01
C MET B 420 -1.96 -4.90 43.25
N PHE B 421 -2.15 -4.05 44.25
CA PHE B 421 -2.83 -4.47 45.47
C PHE B 421 -4.30 -4.76 45.20
N ALA B 422 -4.95 -3.89 44.43
CA ALA B 422 -6.39 -4.05 44.22
C ALA B 422 -6.69 -5.29 43.38
N THR B 423 -5.83 -5.62 42.43
CA THR B 423 -6.12 -6.73 41.54
C THR B 423 -5.55 -8.04 42.02
N ILE B 424 -4.55 -8.01 42.90
CA ILE B 424 -4.15 -9.24 43.57
C ILE B 424 -5.24 -9.66 44.55
N GLY B 425 -5.87 -8.67 45.19
CA GLY B 425 -7.05 -8.93 45.98
C GLY B 425 -6.76 -9.79 47.21
N TYR B 426 -7.84 -10.38 47.73
CA TYR B 426 -7.77 -11.22 48.92
C TYR B 426 -7.10 -12.55 48.60
N SER B 427 -5.82 -12.52 48.30
CA SER B 427 -5.07 -13.70 47.92
C SER B 427 -4.35 -14.29 49.11
N GLN B 428 -4.20 -15.62 49.09
CA GLN B 428 -3.41 -16.31 50.11
C GLN B 428 -1.95 -16.46 49.70
N THR B 429 -1.68 -16.83 48.45
CA THR B 429 -0.37 -17.26 48.01
C THR B 429 0.43 -16.18 47.29
N LEU B 430 -0.18 -15.06 46.95
CA LEU B 430 0.52 -13.98 46.26
C LEU B 430 0.20 -12.67 46.95
N ARG B 431 1.19 -11.80 47.04
CA ARG B 431 1.03 -10.50 47.67
C ARG B 431 1.81 -9.46 46.89
N PRO B 432 1.41 -8.18 46.95
CA PRO B 432 2.04 -7.18 46.06
C PRO B 432 3.53 -7.02 46.27
N GLU B 433 3.98 -7.05 47.53
CA GLU B 433 5.35 -6.71 47.92
C GLU B 433 6.41 -7.17 46.92
N CYS B 434 6.53 -8.49 46.74
CA CYS B 434 7.61 -9.03 45.92
C CYS B 434 7.48 -8.60 44.47
N PHE B 435 6.26 -8.63 43.93
CA PHE B 435 6.11 -8.30 42.52
C PHE B 435 6.31 -6.81 42.27
N VAL B 436 5.63 -5.97 43.06
CA VAL B 436 5.84 -4.53 42.95
C VAL B 436 7.30 -4.19 43.18
N GLY B 437 7.94 -4.90 44.11
CA GLY B 437 9.37 -4.72 44.31
C GLY B 437 10.18 -4.98 43.05
N ALA B 438 9.83 -6.02 42.30
CA ALA B 438 10.58 -6.28 41.08
C ALA B 438 10.21 -5.29 39.97
N ILE B 439 8.98 -4.77 39.99
CA ILE B 439 8.56 -3.83 38.95
C ILE B 439 9.26 -2.49 39.12
N LEU B 440 9.07 -1.87 40.28
CA LEU B 440 9.92 -0.77 40.69
C LEU B 440 11.33 -1.30 40.93
N GLY B 441 12.27 -0.40 41.11
CA GLY B 441 13.60 -0.89 41.44
C GLY B 441 13.85 -0.88 42.93
N ARG B 442 12.94 -1.46 43.72
CA ARG B 442 12.96 -1.26 45.16
C ARG B 442 13.03 -2.57 45.93
N PRO B 443 13.65 -2.55 47.11
CA PRO B 443 13.66 -3.74 47.96
C PRO B 443 12.27 -4.06 48.49
N CYS B 444 12.00 -5.37 48.62
CA CYS B 444 10.67 -5.81 48.99
C CYS B 444 10.22 -5.25 50.32
N TRP B 445 11.13 -5.17 51.32
CA TRP B 445 10.77 -4.61 52.62
C TRP B 445 10.41 -3.13 52.51
N ASP B 446 10.94 -2.44 51.49
CA ASP B 446 10.57 -1.05 51.27
C ASP B 446 9.10 -0.91 50.89
N VAL B 447 8.64 -1.66 49.88
CA VAL B 447 7.26 -1.56 49.44
C VAL B 447 6.30 -2.11 50.50
N HIS B 448 6.81 -2.96 51.38
CA HIS B 448 6.03 -3.40 52.54
C HIS B 448 5.90 -2.29 53.57
N ARG B 449 6.99 -1.58 53.86
CA ARG B 449 6.91 -0.41 54.72
C ARG B 449 5.98 0.65 54.12
N LYS B 450 6.08 0.90 52.82
CA LYS B 450 5.18 1.83 52.16
C LYS B 450 3.75 1.33 52.18
N LEU B 451 3.56 0.01 52.03
CA LEU B 451 2.23 -0.56 52.01
C LEU B 451 1.49 -0.29 53.32
N GLN B 452 2.06 -0.73 54.45
CA GLN B 452 1.41 -0.50 55.74
C GLN B 452 1.27 0.99 56.03
N GLU B 453 2.20 1.79 55.55
CA GLU B 453 2.13 3.24 55.69
C GLU B 453 0.89 3.81 55.01
N ILE B 466 -27.07 -16.80 45.78
CA ILE B 466 -27.13 -17.80 44.72
C ILE B 466 -28.56 -18.37 44.59
N PRO B 467 -29.46 -17.58 43.99
CA PRO B 467 -30.86 -18.03 43.87
C PRO B 467 -30.93 -19.34 43.10
N LYS B 468 -31.49 -20.37 43.75
CA LYS B 468 -31.57 -21.68 43.12
C LYS B 468 -32.47 -21.60 41.88
N GLN B 469 -31.99 -22.20 40.80
CA GLN B 469 -32.65 -22.10 39.49
C GLN B 469 -32.94 -23.50 38.96
N LYS B 470 -34.16 -23.69 38.46
CA LYS B 470 -34.53 -24.95 37.83
C LYS B 470 -33.70 -25.20 36.57
N SER B 471 -33.18 -26.43 36.44
CA SER B 471 -32.40 -26.78 35.27
C SER B 471 -33.30 -26.95 34.05
N LEU B 472 -32.80 -26.54 32.89
CA LEU B 472 -33.57 -26.59 31.66
C LEU B 472 -33.79 -28.04 31.23
N PRO B 473 -34.95 -28.34 30.65
CA PRO B 473 -35.24 -29.74 30.27
C PRO B 473 -34.49 -30.22 29.05
N TRP B 474 -33.95 -29.33 28.23
CA TRP B 474 -33.28 -29.75 27.00
C TRP B 474 -31.76 -29.78 27.13
N TYR B 475 -31.19 -29.52 28.30
CA TYR B 475 -29.74 -29.48 28.45
C TYR B 475 -29.38 -29.68 29.91
N ASP B 476 -28.64 -30.74 30.21
CA ASP B 476 -28.11 -30.96 31.54
C ASP B 476 -26.62 -30.64 31.53
N ARG B 477 -26.24 -29.57 32.24
CA ARG B 477 -24.85 -29.11 32.20
C ARG B 477 -23.94 -29.93 33.09
N ARG B 478 -24.49 -30.81 33.91
CA ARG B 478 -23.70 -31.69 34.75
C ARG B 478 -23.39 -33.01 34.04
N LYS B 479 -24.38 -33.59 33.36
CA LYS B 479 -24.08 -34.73 32.51
C LYS B 479 -23.47 -34.32 31.18
N LYS B 480 -23.53 -33.03 30.82
CA LYS B 480 -23.01 -32.49 29.57
C LYS B 480 -23.74 -33.11 28.38
N GLN B 481 -25.07 -32.98 28.41
CA GLN B 481 -25.94 -33.69 27.50
C GLN B 481 -27.09 -32.80 27.04
N LEU B 482 -27.44 -32.91 25.76
CA LEU B 482 -28.67 -32.34 25.22
C LEU B 482 -29.77 -33.39 25.25
N MET B 483 -31.01 -32.96 25.45
CA MET B 483 -32.11 -33.88 25.70
C MET B 483 -33.37 -33.44 24.95
N SER B 484 -34.09 -34.42 24.41
CA SER B 484 -35.47 -34.27 23.93
C SER B 484 -35.50 -33.33 22.74
N ASP B 485 -36.28 -32.24 22.78
CA ASP B 485 -36.50 -31.35 21.64
C ASP B 485 -35.46 -30.25 21.56
N TRP B 486 -34.22 -30.57 21.96
CA TRP B 486 -33.23 -29.51 22.13
C TRP B 486 -33.04 -28.71 20.86
N ALA B 487 -33.12 -29.37 19.70
CA ALA B 487 -32.99 -28.66 18.42
C ALA B 487 -34.08 -27.61 18.25
N ASP B 488 -35.28 -27.85 18.77
CA ASP B 488 -36.35 -26.86 18.69
C ASP B 488 -36.27 -25.80 19.80
N ALA B 489 -35.62 -26.10 20.92
CA ALA B 489 -35.59 -25.17 22.05
C ALA B 489 -34.50 -24.11 21.98
N THR B 490 -33.42 -24.33 21.21
CA THR B 490 -32.31 -23.38 21.21
C THR B 490 -31.84 -23.10 19.78
N ILE B 491 -31.18 -21.97 19.61
CA ILE B 491 -30.47 -21.66 18.37
C ILE B 491 -28.96 -21.69 18.58
N THR B 492 -28.48 -22.28 19.69
CA THR B 492 -27.04 -22.29 20.00
C THR B 492 -26.25 -22.89 18.85
N HIS B 493 -26.77 -23.95 18.23
CA HIS B 493 -26.10 -24.67 17.15
C HIS B 493 -26.29 -24.05 15.76
N GLU B 494 -27.10 -23.00 15.63
CA GLU B 494 -27.57 -22.51 14.33
C GLU B 494 -26.90 -21.18 14.03
N HIS B 495 -25.67 -21.24 13.51
CA HIS B 495 -24.86 -20.03 13.39
C HIS B 495 -25.45 -19.06 12.36
N ALA B 496 -26.21 -19.57 11.39
CA ALA B 496 -26.71 -18.68 10.33
C ALA B 496 -27.73 -17.69 10.88
N VAL B 497 -28.45 -18.02 11.95
CA VAL B 497 -29.46 -17.12 12.48
C VAL B 497 -28.99 -16.40 13.74
N ARG B 498 -27.73 -16.56 14.13
CA ARG B 498 -27.27 -15.99 15.38
C ARG B 498 -26.90 -14.53 15.21
N GLU B 499 -27.28 -13.72 16.19
CA GLU B 499 -26.79 -12.35 16.31
C GLU B 499 -25.79 -12.29 17.45
N LEU B 500 -24.82 -11.40 17.31
CA LEU B 500 -23.72 -11.33 18.25
C LEU B 500 -24.02 -10.25 19.27
N PHE B 501 -24.12 -10.64 20.53
CA PHE B 501 -24.26 -9.70 21.61
C PHE B 501 -23.09 -9.88 22.57
N ALA B 502 -22.77 -8.83 23.29
CA ALA B 502 -21.77 -8.89 24.34
C ALA B 502 -22.11 -10.01 25.31
N PRO B 503 -21.13 -10.83 25.70
CA PRO B 503 -21.34 -11.79 26.79
C PRO B 503 -22.05 -11.12 27.96
N CYS B 504 -22.92 -11.88 28.63
CA CYS B 504 -23.77 -11.25 29.63
C CYS B 504 -22.96 -10.91 30.87
N HIS B 505 -23.12 -9.69 31.36
CA HIS B 505 -22.44 -9.19 32.54
C HIS B 505 -23.43 -8.57 33.51
N HIS B 506 -24.66 -9.07 33.54
CA HIS B 506 -25.68 -8.61 34.47
C HIS B 506 -25.49 -9.23 35.85
N ASP B 507 -26.29 -8.78 36.81
CA ASP B 507 -26.08 -9.21 38.19
C ASP B 507 -26.90 -10.43 38.57
N GLY B 508 -28.04 -10.66 37.94
CA GLY B 508 -28.94 -11.66 38.46
C GLY B 508 -28.82 -13.01 37.79
N PRO B 509 -29.84 -13.84 37.94
CA PRO B 509 -29.95 -15.05 37.10
C PRO B 509 -30.05 -14.67 35.63
N CYS B 510 -29.74 -15.62 34.76
CA CYS B 510 -29.74 -15.36 33.32
C CYS B 510 -31.14 -15.68 32.78
N THR B 511 -32.03 -14.73 33.00
CA THR B 511 -33.42 -14.81 32.59
C THR B 511 -33.76 -13.54 31.82
N ALA B 512 -34.88 -13.60 31.11
CA ALA B 512 -35.39 -12.40 30.43
C ALA B 512 -35.66 -11.26 31.41
N ALA B 513 -36.13 -11.58 32.63
CA ALA B 513 -36.40 -10.52 33.60
C ALA B 513 -35.16 -9.68 33.89
N ASN B 514 -33.99 -10.30 33.95
CA ASN B 514 -32.76 -9.58 34.23
C ASN B 514 -32.10 -9.01 33.00
N GLY B 515 -32.74 -9.11 31.84
CA GLY B 515 -32.12 -8.62 30.62
C GLY B 515 -30.93 -9.43 30.14
N CYS B 516 -30.89 -10.73 30.41
CA CYS B 516 -29.79 -11.54 29.90
C CYS B 516 -29.92 -11.69 28.39
N PRO B 517 -28.97 -11.17 27.60
CA PRO B 517 -29.08 -11.36 26.14
C PRO B 517 -28.98 -12.81 25.74
N CYS B 518 -28.26 -13.64 26.48
CA CYS B 518 -28.16 -15.04 26.13
C CYS B 518 -29.53 -15.71 26.22
N ALA B 519 -30.25 -15.46 27.31
CA ALA B 519 -31.57 -16.07 27.46
C ALA B 519 -32.58 -15.54 26.47
N SER B 520 -32.44 -14.28 26.04
CA SER B 520 -33.60 -13.58 25.50
C SER B 520 -33.33 -12.67 24.32
N ALA B 521 -32.08 -12.37 23.96
CA ALA B 521 -31.87 -11.43 22.86
C ALA B 521 -32.26 -12.01 21.51
N GLY B 522 -32.16 -13.34 21.34
CA GLY B 522 -32.50 -13.98 20.09
C GLY B 522 -33.89 -14.57 20.12
N THR B 523 -34.25 -15.23 19.00
CA THR B 523 -35.57 -15.85 18.93
C THR B 523 -35.70 -17.00 19.91
N HIS B 524 -34.59 -17.61 20.30
CA HIS B 524 -34.54 -18.68 21.28
C HIS B 524 -33.39 -18.41 22.22
N PRO B 525 -33.33 -19.10 23.36
CA PRO B 525 -32.15 -18.97 24.23
C PRO B 525 -30.94 -19.67 23.63
N VAL B 526 -29.77 -19.03 23.79
CA VAL B 526 -28.48 -19.68 23.53
C VAL B 526 -27.77 -19.89 24.87
N LEU B 527 -26.90 -20.89 24.91
CA LEU B 527 -26.12 -21.17 26.11
C LEU B 527 -25.22 -19.98 26.45
N CYS B 528 -24.99 -19.76 27.74
CA CYS B 528 -23.95 -18.81 28.16
C CYS B 528 -22.57 -19.41 27.89
N GLU B 529 -21.66 -18.58 27.37
CA GLU B 529 -20.33 -19.02 26.99
C GLU B 529 -19.30 -18.62 28.05
N ARG B 530 -18.03 -18.90 27.75
CA ARG B 530 -16.97 -18.74 28.75
C ARG B 530 -16.70 -17.29 29.16
N PHE B 531 -17.09 -16.32 28.34
CA PHE B 531 -16.91 -14.92 28.74
C PHE B 531 -18.09 -14.32 29.51
N CYS B 532 -19.21 -15.03 29.61
CA CYS B 532 -20.28 -14.54 30.48
C CYS B 532 -19.81 -14.59 31.93
N LEU B 533 -20.26 -13.62 32.72
CA LEU B 533 -19.82 -13.56 34.09
C LEU B 533 -20.52 -14.59 34.99
N CYS B 534 -21.62 -15.20 34.55
CA CYS B 534 -22.19 -16.25 35.37
C CYS B 534 -21.23 -17.45 35.41
N THR B 535 -21.43 -18.29 36.42
CA THR B 535 -20.67 -19.50 36.61
C THR B 535 -21.55 -20.72 36.35
N ALA B 536 -20.88 -21.85 36.15
CA ALA B 536 -21.60 -23.09 35.84
C ALA B 536 -22.49 -23.52 37.00
N GLU B 537 -22.11 -23.21 38.24
CA GLU B 537 -22.97 -23.59 39.36
C GLU B 537 -24.20 -22.70 39.46
N GLU B 538 -24.08 -21.41 39.14
CA GLU B 538 -25.25 -20.53 39.21
C GLU B 538 -26.22 -20.79 38.06
N CYS B 539 -25.71 -20.84 36.82
CA CYS B 539 -26.54 -20.56 35.66
C CYS B 539 -26.81 -21.83 34.87
N PRO B 540 -28.07 -22.22 34.70
CA PRO B 540 -28.36 -23.45 33.93
C PRO B 540 -28.13 -23.32 32.44
N LEU B 541 -27.84 -22.12 31.93
CA LEU B 541 -27.50 -21.96 30.51
C LEU B 541 -25.99 -21.99 30.26
N LYS B 542 -25.18 -22.27 31.27
CA LYS B 542 -23.73 -22.16 31.11
C LYS B 542 -23.20 -23.42 30.43
N PHE B 543 -22.46 -23.23 29.34
CA PHE B 543 -21.87 -24.37 28.65
C PHE B 543 -20.70 -24.95 29.47
N THR B 544 -20.63 -26.28 29.56
CA THR B 544 -19.67 -26.96 30.43
C THR B 544 -18.69 -27.87 29.68
N GLY B 545 -18.70 -27.86 28.34
CA GLY B 545 -17.84 -28.75 27.55
C GLY B 545 -18.46 -30.11 27.39
N CYS B 546 -17.76 -30.99 26.70
CA CYS B 546 -18.27 -32.33 26.47
C CYS B 546 -17.69 -33.33 27.47
N ALA B 547 -18.32 -34.49 27.54
CA ALA B 547 -17.97 -35.53 28.50
C ALA B 547 -17.21 -36.70 27.88
N CYS B 548 -16.78 -36.60 26.63
CA CYS B 548 -16.18 -37.77 25.99
C CYS B 548 -14.82 -38.08 26.62
N HIS B 549 -14.55 -39.37 26.74
CA HIS B 549 -13.21 -39.86 27.05
C HIS B 549 -13.09 -41.21 26.38
N SER B 550 -11.89 -41.53 25.88
CA SER B 550 -11.68 -42.83 25.27
C SER B 550 -10.21 -43.02 25.02
N SER B 551 -9.74 -44.25 25.19
CA SER B 551 -8.39 -44.58 24.77
C SER B 551 -8.25 -44.58 23.25
N GLY B 552 -9.37 -44.60 22.53
CA GLY B 552 -9.41 -44.47 21.09
C GLY B 552 -9.88 -43.09 20.68
N LYS B 553 -10.24 -42.97 19.40
CA LYS B 553 -10.75 -41.70 18.90
C LYS B 553 -12.11 -41.37 19.51
N THR B 554 -12.38 -40.08 19.69
CA THR B 554 -13.63 -39.64 20.30
C THR B 554 -13.93 -38.21 19.86
N CYS B 555 -15.09 -37.70 20.30
CA CYS B 555 -15.65 -36.43 19.80
C CYS B 555 -15.80 -36.47 18.27
N LEU B 556 -16.44 -37.53 17.81
CA LEU B 556 -16.64 -37.80 16.39
C LEU B 556 -18.08 -37.52 16.00
N GLN B 557 -18.31 -37.32 14.70
CA GLN B 557 -19.66 -37.07 14.23
C GLN B 557 -20.54 -38.31 14.38
N ARG B 558 -20.07 -39.45 13.87
CA ARG B 558 -20.83 -40.70 13.91
C ARG B 558 -20.31 -41.52 15.08
N GLN B 559 -20.78 -41.18 16.29
CA GLN B 559 -20.21 -41.76 17.50
C GLN B 559 -20.97 -42.99 17.98
N GLY B 562 -22.21 -44.44 22.01
CA GLY B 562 -23.49 -44.61 22.68
C GLY B 562 -24.08 -43.30 23.15
N ARG B 563 -23.21 -42.34 23.43
CA ARG B 563 -23.60 -40.99 23.80
C ARG B 563 -22.91 -40.02 22.86
N PRO B 564 -23.63 -39.15 22.16
CA PRO B 564 -22.97 -38.19 21.27
C PRO B 564 -22.08 -37.21 22.02
N CYS B 565 -21.22 -36.56 21.25
CA CYS B 565 -20.44 -35.43 21.74
C CYS B 565 -21.28 -34.16 21.60
N ILE B 566 -21.58 -33.53 22.73
CA ILE B 566 -22.38 -32.31 22.72
C ILE B 566 -21.71 -31.21 21.89
N CYS B 567 -20.39 -31.17 21.87
CA CYS B 567 -19.70 -30.16 21.08
C CYS B 567 -19.97 -30.36 19.59
N VAL B 568 -19.84 -31.60 19.11
CA VAL B 568 -20.20 -31.92 17.72
C VAL B 568 -21.66 -31.56 17.46
N GLN B 569 -22.57 -31.94 18.38
CA GLN B 569 -23.99 -31.62 18.17
C GLN B 569 -24.22 -30.13 18.02
N LEU B 570 -23.46 -29.31 18.76
CA LEU B 570 -23.61 -27.87 18.72
C LEU B 570 -22.82 -27.20 17.60
N ASN B 571 -22.23 -27.97 16.70
CA ASN B 571 -21.42 -27.41 15.60
C ASN B 571 -20.34 -26.48 16.15
N ARG B 572 -19.62 -26.98 17.15
CA ARG B 572 -18.51 -26.24 17.73
C ARG B 572 -17.35 -27.19 17.97
N GLU B 573 -16.16 -26.61 18.02
CA GLU B 573 -14.99 -27.41 18.38
C GLU B 573 -14.89 -27.48 19.90
N CYS B 574 -14.20 -28.52 20.39
CA CYS B 574 -14.00 -28.67 21.82
C CYS B 574 -13.15 -27.53 22.36
N ASP B 575 -13.37 -27.20 23.63
CA ASP B 575 -12.67 -26.11 24.32
C ASP B 575 -11.50 -26.69 25.10
N PRO B 576 -10.27 -26.21 24.90
CA PRO B 576 -9.10 -26.81 25.60
C PRO B 576 -9.19 -26.77 27.12
N THR B 577 -9.95 -25.83 27.70
CA THR B 577 -10.16 -25.77 29.14
C THR B 577 -11.32 -26.65 29.58
N LEU B 578 -12.47 -26.54 28.90
CA LEU B 578 -13.70 -27.15 29.40
C LEU B 578 -13.79 -28.63 29.09
N CYS B 579 -13.30 -29.08 27.94
CA CYS B 579 -13.41 -30.49 27.55
C CYS B 579 -12.18 -31.23 28.06
N LYS B 580 -12.26 -31.69 29.32
CA LYS B 580 -11.13 -32.26 30.04
C LYS B 580 -10.90 -33.74 29.75
N GLY B 581 -11.94 -34.47 29.35
CA GLY B 581 -11.82 -35.91 29.24
C GLY B 581 -11.23 -36.38 27.93
N CYS B 582 -11.39 -35.60 26.85
CA CYS B 582 -11.05 -36.08 25.53
C CYS B 582 -9.62 -35.71 25.09
N GLY B 583 -8.87 -34.98 25.91
CA GLY B 583 -7.51 -34.61 25.54
C GLY B 583 -7.44 -33.42 24.61
N ALA B 584 -8.49 -32.60 24.56
CA ALA B 584 -8.46 -31.41 23.73
C ALA B 584 -7.41 -30.42 24.21
N ARG B 585 -7.11 -30.44 25.51
CA ARG B 585 -6.06 -29.56 26.04
C ARG B 585 -4.74 -29.73 25.27
N GLU B 586 -4.37 -30.98 24.98
CA GLU B 586 -3.13 -31.21 24.24
C GLU B 586 -3.33 -31.18 22.74
N ARG B 587 -4.48 -31.61 22.25
CA ARG B 587 -4.70 -31.70 20.80
C ARG B 587 -5.02 -30.35 20.15
N ALA B 588 -5.51 -29.38 20.93
CA ALA B 588 -5.81 -28.05 20.40
C ALA B 588 -4.61 -27.10 20.52
N ASP B 589 -3.47 -27.59 20.97
CA ASP B 589 -2.26 -26.80 21.09
C ASP B 589 -1.47 -26.92 19.80
N PRO B 590 -1.26 -25.83 19.06
CA PRO B 590 -0.55 -25.94 17.77
C PRO B 590 0.88 -26.46 17.89
N GLU B 591 1.47 -26.42 19.08
CA GLU B 591 2.80 -27.01 19.26
C GLU B 591 2.79 -28.53 19.19
N ASN B 592 1.62 -29.16 19.22
CA ASN B 592 1.49 -30.60 19.01
C ASN B 592 0.87 -30.94 17.66
N ALA B 593 0.77 -29.97 16.74
CA ALA B 593 0.00 -30.18 15.52
C ALA B 593 0.50 -31.34 14.67
N TYR B 594 1.78 -31.73 14.79
CA TYR B 594 2.33 -32.78 13.94
C TYR B 594 2.71 -34.02 14.74
N ASP B 595 2.17 -34.15 15.95
CA ASP B 595 2.30 -35.36 16.74
C ASP B 595 1.20 -36.30 16.25
N GLU B 596 1.52 -37.11 15.24
CA GLU B 596 0.55 -38.05 14.69
C GLU B 596 0.12 -39.12 15.68
N VAL B 597 1.00 -39.48 16.63
CA VAL B 597 0.60 -40.45 17.65
C VAL B 597 -0.48 -39.86 18.54
N LEU B 598 -0.22 -38.67 19.09
CA LEU B 598 -1.21 -37.99 19.92
C LEU B 598 -2.57 -37.93 19.23
N HIS B 599 -2.59 -37.46 17.99
CA HIS B 599 -3.83 -37.19 17.26
C HIS B 599 -4.51 -38.44 16.71
N SER B 600 -3.86 -39.60 16.78
CA SER B 600 -4.49 -40.84 16.37
C SER B 600 -5.53 -41.34 17.39
N THR B 601 -5.54 -40.79 18.60
CA THR B 601 -6.60 -41.06 19.57
C THR B 601 -7.12 -39.75 20.13
N GLY B 602 -8.03 -39.86 21.09
CA GLY B 602 -8.56 -38.69 21.77
C GLY B 602 -9.40 -37.84 20.84
N CYS B 603 -9.55 -36.58 21.25
CA CYS B 603 -10.44 -35.62 20.59
C CYS B 603 -10.12 -35.49 19.10
N GLN B 604 -11.11 -35.75 18.25
CA GLN B 604 -11.03 -35.50 16.83
C GLN B 604 -11.79 -34.24 16.41
N ASN B 605 -12.06 -33.34 17.35
CA ASN B 605 -12.92 -32.18 17.09
C ASN B 605 -12.19 -30.89 17.45
N VAL B 606 -10.89 -30.83 17.13
CA VAL B 606 -10.04 -29.66 17.36
C VAL B 606 -9.26 -29.29 16.11
N ALA B 607 -9.73 -29.72 14.94
CA ALA B 607 -8.88 -29.63 13.74
C ALA B 607 -8.50 -28.17 13.39
N LEU B 608 -9.44 -27.24 13.54
CA LEU B 608 -9.14 -25.86 13.18
C LEU B 608 -8.15 -25.25 14.16
N GLN B 609 -8.24 -25.63 15.43
CA GLN B 609 -7.31 -25.13 16.44
C GLN B 609 -5.92 -25.75 16.25
N ARG B 610 -5.88 -27.07 16.06
CA ARG B 610 -4.64 -27.77 15.70
C ARG B 610 -3.92 -27.06 14.57
N GLY B 611 -4.67 -26.61 13.55
CA GLY B 611 -4.13 -25.80 12.47
C GLY B 611 -3.32 -26.54 11.43
N ALA B 612 -3.35 -27.88 11.44
CA ALA B 612 -2.65 -28.65 10.43
C ALA B 612 -3.62 -28.96 9.30
N ALA B 613 -3.24 -28.61 8.09
CA ALA B 613 -4.03 -28.90 6.91
C ALA B 613 -3.43 -30.11 6.19
N LYS B 614 -4.26 -30.76 5.39
CA LYS B 614 -3.73 -31.78 4.50
C LYS B 614 -2.83 -31.15 3.44
N ALA B 615 -1.84 -31.92 3.00
CA ALA B 615 -0.95 -31.50 1.92
C ALA B 615 -1.74 -31.28 0.62
N VAL B 616 -1.70 -30.07 0.09
CA VAL B 616 -2.40 -29.70 -1.14
C VAL B 616 -1.44 -28.96 -2.05
N VAL B 617 -1.81 -28.86 -3.32
CA VAL B 617 -0.94 -28.18 -4.28
C VAL B 617 -1.82 -27.50 -5.32
N LEU B 618 -1.41 -26.29 -5.70
CA LEU B 618 -2.11 -25.50 -6.69
C LEU B 618 -1.83 -26.01 -8.09
N GLY B 619 -2.83 -25.97 -8.97
CA GLY B 619 -2.59 -26.33 -10.35
C GLY B 619 -3.63 -25.75 -11.28
N LYS B 620 -3.51 -26.11 -12.56
CA LYS B 620 -4.52 -25.79 -13.54
C LYS B 620 -5.67 -26.79 -13.39
N SER B 621 -6.88 -26.28 -13.19
CA SER B 621 -8.04 -27.15 -12.99
C SER B 621 -8.30 -28.02 -14.21
N GLN B 622 -8.84 -29.22 -13.98
CA GLN B 622 -9.25 -30.06 -15.11
C GLN B 622 -10.51 -29.56 -15.79
N LEU B 623 -11.32 -28.74 -15.13
CA LEU B 623 -12.57 -28.28 -15.72
C LEU B 623 -12.27 -27.22 -16.76
N GLU B 624 -12.68 -27.46 -18.00
CA GLU B 624 -12.64 -26.39 -19.00
C GLU B 624 -13.49 -25.24 -18.49
N ALA B 625 -13.03 -24.02 -18.76
CA ALA B 625 -13.63 -22.75 -18.34
C ALA B 625 -13.35 -22.46 -16.87
N CYS B 626 -12.56 -23.27 -16.18
CA CYS B 626 -11.95 -22.90 -14.92
C CYS B 626 -10.49 -22.54 -15.15
N GLY B 627 -9.93 -21.75 -14.25
CA GLY B 627 -8.50 -21.48 -14.29
C GLY B 627 -7.71 -22.38 -13.36
N TYR B 628 -7.39 -21.88 -12.17
CA TYR B 628 -6.71 -22.69 -11.15
C TYR B 628 -7.67 -23.64 -10.46
N GLY B 629 -7.11 -24.74 -9.95
CA GLY B 629 -7.78 -25.59 -8.99
C GLY B 629 -6.78 -26.03 -7.93
N LEU B 630 -7.31 -26.71 -6.92
CA LEU B 630 -6.49 -27.23 -5.83
C LEU B 630 -6.51 -28.75 -5.90
N PHE B 631 -5.35 -29.36 -5.69
CA PHE B 631 -5.16 -30.81 -5.82
C PHE B 631 -4.64 -31.41 -4.52
N ALA B 632 -5.17 -32.58 -4.14
CA ALA B 632 -4.61 -33.34 -3.04
C ALA B 632 -3.17 -33.73 -3.34
N ALA B 633 -2.30 -33.58 -2.34
CA ALA B 633 -0.91 -34.02 -2.44
C ALA B 633 -0.61 -35.19 -1.52
N GLU B 634 -1.60 -35.70 -0.79
CA GLU B 634 -1.49 -36.95 -0.04
C GLU B 634 -2.88 -37.57 -0.03
N ASP B 635 -2.94 -38.88 0.24
CA ASP B 635 -4.23 -39.55 0.34
C ASP B 635 -5.04 -38.95 1.49
N ILE B 636 -6.35 -38.84 1.31
CA ILE B 636 -7.22 -38.28 2.34
C ILE B 636 -8.41 -39.20 2.55
N GLU B 637 -8.64 -39.59 3.80
CA GLU B 637 -9.74 -40.49 4.12
C GLU B 637 -11.03 -39.69 4.30
N GLU B 638 -12.15 -40.31 3.94
CA GLU B 638 -13.43 -39.70 4.23
C GLU B 638 -13.53 -39.38 5.72
N GLY B 639 -14.03 -38.19 6.02
CA GLY B 639 -14.17 -37.71 7.39
C GLY B 639 -13.01 -36.88 7.91
N GLU B 640 -11.88 -36.84 7.20
CA GLU B 640 -10.76 -36.06 7.70
C GLU B 640 -10.94 -34.59 7.38
N PHE B 641 -10.44 -33.74 8.26
CA PHE B 641 -10.36 -32.31 7.99
C PHE B 641 -9.31 -32.06 6.91
N VAL B 642 -9.63 -31.18 5.96
CA VAL B 642 -8.76 -30.91 4.81
C VAL B 642 -8.05 -29.57 4.95
N ILE B 643 -8.83 -28.47 5.10
CA ILE B 643 -8.27 -27.13 5.10
C ILE B 643 -9.34 -26.18 5.64
N GLU B 644 -8.91 -25.01 6.11
CA GLU B 644 -9.80 -23.94 6.53
C GLU B 644 -9.96 -22.93 5.38
N TYR B 645 -11.15 -22.35 5.26
CA TYR B 645 -11.36 -21.23 4.33
C TYR B 645 -11.04 -19.92 5.05
N THR B 646 -9.90 -19.31 4.77
CA THR B 646 -9.62 -18.03 5.43
C THR B 646 -9.75 -16.89 4.44
N GLY B 647 -9.79 -15.67 4.98
CA GLY B 647 -9.85 -14.47 4.17
C GLY B 647 -10.12 -13.24 5.04
N GLU B 648 -10.50 -12.15 4.37
CA GLU B 648 -10.89 -10.92 5.07
C GLU B 648 -12.33 -11.02 5.54
N LEU B 649 -12.57 -10.68 6.81
CA LEU B 649 -13.92 -10.58 7.32
C LEU B 649 -14.49 -9.21 6.97
N ILE B 650 -15.65 -9.17 6.30
CA ILE B 650 -16.22 -7.93 5.82
C ILE B 650 -17.70 -7.86 6.12
N SER B 651 -18.21 -6.62 6.19
CA SER B 651 -19.63 -6.37 6.40
C SER B 651 -20.41 -6.50 5.10
N HIS B 652 -21.74 -6.43 5.23
CA HIS B 652 -22.59 -6.54 4.04
C HIS B 652 -22.33 -5.40 3.08
N ASP B 653 -22.32 -4.17 3.59
CA ASP B 653 -22.12 -3.03 2.72
C ASP B 653 -20.72 -3.03 2.13
N GLU B 654 -19.72 -3.46 2.89
CA GLU B 654 -18.40 -3.61 2.32
C GLU B 654 -18.42 -4.63 1.19
N GLY B 655 -19.23 -5.68 1.31
CA GLY B 655 -19.34 -6.65 0.24
C GLY B 655 -19.93 -6.05 -1.02
N VAL B 656 -20.97 -5.22 -0.88
CA VAL B 656 -21.56 -4.59 -2.05
C VAL B 656 -20.56 -3.66 -2.70
N ARG B 657 -19.82 -2.88 -1.91
CA ARG B 657 -18.81 -2.00 -2.46
C ARG B 657 -17.76 -2.76 -3.26
N ARG B 658 -17.34 -3.94 -2.76
CA ARG B 658 -16.31 -4.69 -3.46
C ARG B 658 -16.86 -5.32 -4.74
N GLU B 659 -18.12 -5.78 -4.71
CA GLU B 659 -18.76 -6.26 -5.93
C GLU B 659 -18.81 -5.16 -7.00
N HIS B 660 -19.08 -3.92 -6.58
CA HIS B 660 -19.10 -2.82 -7.55
C HIS B 660 -17.70 -2.53 -8.10
N ARG B 661 -16.71 -2.37 -7.23
CA ARG B 661 -15.41 -1.92 -7.71
C ARG B 661 -14.69 -2.99 -8.52
N ARG B 662 -15.10 -4.25 -8.42
CA ARG B 662 -14.50 -5.33 -9.20
C ARG B 662 -15.37 -5.72 -10.40
N GLY B 663 -16.03 -4.74 -11.02
CA GLY B 663 -16.74 -4.93 -12.26
C GLY B 663 -17.94 -5.84 -12.19
N SER B 672 -17.09 -11.88 -8.24
CA SER B 672 -16.73 -11.74 -6.83
C SER B 672 -17.36 -12.83 -5.95
N PHE B 673 -16.51 -13.57 -5.23
CA PHE B 673 -16.95 -14.70 -4.42
C PHE B 673 -16.76 -14.36 -2.94
N LEU B 674 -17.87 -14.19 -2.22
CA LEU B 674 -17.88 -13.80 -0.81
C LEU B 674 -18.51 -14.93 -0.02
N PHE B 675 -17.72 -15.62 0.80
CA PHE B 675 -18.24 -16.76 1.55
C PHE B 675 -19.05 -16.27 2.76
N THR B 676 -20.33 -16.65 2.83
CA THR B 676 -21.15 -16.27 3.98
C THR B 676 -20.67 -16.98 5.24
N LEU B 677 -20.27 -16.24 6.25
CA LEU B 677 -19.86 -16.84 7.52
C LEU B 677 -20.97 -16.79 8.56
N LEU B 678 -21.57 -15.61 8.78
CA LEU B 678 -22.70 -15.44 9.69
C LEU B 678 -23.75 -14.62 8.95
N GLU B 679 -24.77 -15.30 8.43
CA GLU B 679 -25.75 -14.62 7.57
C GLU B 679 -26.50 -13.54 8.33
N GLN B 680 -27.14 -13.92 9.44
CA GLN B 680 -27.95 -12.97 10.20
C GLN B 680 -27.12 -11.80 10.69
N GLU B 681 -25.95 -12.08 11.28
CA GLU B 681 -25.11 -10.99 11.79
C GLU B 681 -24.55 -10.15 10.66
N GLY B 682 -24.37 -10.73 9.48
CA GLY B 682 -23.85 -10.01 8.34
C GLY B 682 -22.33 -9.98 8.27
N ILE B 683 -21.70 -11.15 8.21
CA ILE B 683 -20.24 -11.23 8.06
C ILE B 683 -19.93 -12.19 6.92
N TRP B 684 -19.07 -11.75 6.00
CA TRP B 684 -18.63 -12.55 4.86
C TRP B 684 -17.11 -12.65 4.89
N VAL B 685 -16.60 -13.73 4.30
CA VAL B 685 -15.17 -13.96 4.14
C VAL B 685 -14.80 -13.76 2.68
N ASP B 686 -13.86 -12.87 2.43
CA ASP B 686 -13.40 -12.53 1.10
C ASP B 686 -11.93 -12.93 0.98
N ALA B 687 -11.65 -13.89 0.10
CA ALA B 687 -10.31 -14.41 -0.14
C ALA B 687 -9.72 -13.93 -1.47
N ALA B 688 -10.25 -12.83 -2.02
CA ALA B 688 -9.73 -12.32 -3.29
C ALA B 688 -8.26 -11.95 -3.20
N ILE B 689 -7.78 -11.51 -2.05
CA ILE B 689 -6.41 -11.07 -1.91
C ILE B 689 -5.69 -11.83 -0.80
N TYR B 690 -6.31 -11.91 0.36
CA TYR B 690 -5.76 -12.59 1.53
C TYR B 690 -6.61 -13.82 1.83
N GLY B 691 -5.94 -14.96 1.99
CA GLY B 691 -6.64 -16.20 2.25
C GLY B 691 -5.65 -17.33 2.28
N ASN B 692 -6.03 -18.51 1.80
CA ASN B 692 -5.06 -19.56 1.63
C ASN B 692 -5.45 -20.36 0.38
N LEU B 693 -4.83 -21.52 0.22
CA LEU B 693 -5.02 -22.29 -1.01
C LEU B 693 -6.47 -22.73 -1.22
N SER B 694 -7.30 -22.73 -0.17
CA SER B 694 -8.70 -23.15 -0.32
C SER B 694 -9.48 -22.21 -1.22
N ARG B 695 -8.97 -21.01 -1.45
CA ARG B 695 -9.66 -20.11 -2.37
C ARG B 695 -9.70 -20.64 -3.80
N TYR B 696 -8.84 -21.58 -4.15
CA TYR B 696 -8.77 -22.11 -5.51
C TYR B 696 -9.59 -23.37 -5.71
N ILE B 697 -10.31 -23.85 -4.70
CA ILE B 697 -11.11 -25.07 -4.87
C ILE B 697 -12.33 -24.77 -5.73
N ASN B 698 -12.52 -25.57 -6.78
CA ASN B 698 -13.58 -25.34 -7.76
C ASN B 698 -14.90 -25.96 -7.31
N HIS B 699 -15.96 -25.50 -7.97
CA HIS B 699 -17.30 -26.00 -7.73
C HIS B 699 -17.58 -27.27 -8.54
N ALA B 700 -18.18 -28.27 -7.89
CA ALA B 700 -18.87 -29.36 -8.57
C ALA B 700 -20.06 -29.76 -7.72
N THR B 701 -21.17 -30.11 -8.37
CA THR B 701 -22.34 -30.54 -7.59
C THR B 701 -22.08 -31.84 -6.86
N ASP B 702 -21.23 -32.70 -7.41
CA ASP B 702 -20.80 -33.90 -6.69
C ASP B 702 -19.38 -33.66 -6.19
N GLY B 703 -19.27 -32.87 -5.13
CA GLY B 703 -17.97 -32.56 -4.57
C GLY B 703 -17.42 -33.74 -3.80
N ASN B 704 -16.13 -33.66 -3.49
CA ASN B 704 -15.49 -34.61 -2.58
C ASN B 704 -15.12 -33.99 -1.23
N ILE B 705 -15.38 -32.70 -1.01
CA ILE B 705 -15.25 -32.09 0.31
C ILE B 705 -16.47 -31.25 0.59
N MET B 706 -16.62 -30.86 1.84
CA MET B 706 -17.83 -30.21 2.31
C MET B 706 -17.44 -29.13 3.31
N PRO B 707 -17.81 -27.88 3.09
CA PRO B 707 -17.53 -26.83 4.07
C PRO B 707 -18.53 -26.87 5.22
N LYS B 708 -18.08 -26.40 6.39
CA LYS B 708 -19.01 -26.25 7.51
C LYS B 708 -18.56 -25.09 8.40
N ILE B 709 -19.53 -24.28 8.82
CA ILE B 709 -19.27 -23.18 9.75
C ILE B 709 -19.20 -23.76 11.17
N MET B 710 -18.19 -23.36 11.92
CA MET B 710 -17.93 -23.92 13.24
C MET B 710 -17.70 -22.79 14.24
N TYR B 711 -18.24 -22.97 15.45
CA TYR B 711 -17.89 -22.11 16.58
C TYR B 711 -16.61 -22.63 17.24
N VAL B 712 -15.62 -21.74 17.37
CA VAL B 712 -14.29 -22.15 17.83
C VAL B 712 -13.77 -21.13 18.83
N ASN B 713 -14.10 -21.32 20.11
CA ASN B 713 -13.63 -20.44 21.19
C ASN B 713 -14.11 -19.01 20.98
N HIS B 714 -15.36 -18.85 20.52
CA HIS B 714 -15.98 -17.56 20.26
C HIS B 714 -15.44 -16.89 19.01
N GLU B 715 -14.87 -17.66 18.10
CA GLU B 715 -14.68 -17.26 16.72
C GLU B 715 -15.50 -18.19 15.86
N TRP B 716 -16.03 -17.67 14.76
CA TRP B 716 -16.68 -18.51 13.77
C TRP B 716 -15.76 -18.68 12.57
N ARG B 717 -15.57 -19.93 12.16
CA ARG B 717 -14.57 -20.30 11.15
C ARG B 717 -15.16 -21.40 10.26
N ILE B 718 -14.55 -21.56 9.09
CA ILE B 718 -15.03 -22.46 8.04
C ILE B 718 -14.02 -23.57 7.82
N LYS B 719 -14.43 -24.81 8.09
CA LYS B 719 -13.60 -25.96 7.81
C LYS B 719 -14.17 -26.74 6.62
N PHE B 720 -13.27 -27.39 5.88
CA PHE B 720 -13.64 -28.35 4.84
C PHE B 720 -13.30 -29.75 5.35
N THR B 721 -14.23 -30.68 5.17
CA THR B 721 -14.05 -32.08 5.53
C THR B 721 -14.25 -32.95 4.29
N ALA B 722 -13.45 -34.01 4.19
CA ALA B 722 -13.58 -34.93 3.06
C ALA B 722 -14.86 -35.76 3.20
N ILE B 723 -15.63 -35.85 2.12
CA ILE B 723 -16.81 -36.73 2.09
C ILE B 723 -16.61 -37.96 1.24
N LYS B 724 -15.47 -38.09 0.55
CA LYS B 724 -15.05 -39.29 -0.13
C LYS B 724 -13.61 -39.56 0.24
N ASP B 725 -13.15 -40.78 0.00
CA ASP B 725 -11.72 -41.02 -0.10
C ASP B 725 -11.17 -40.28 -1.30
N ILE B 726 -10.04 -39.61 -1.11
CA ILE B 726 -9.39 -38.82 -2.14
C ILE B 726 -7.94 -39.25 -2.20
N LYS B 727 -7.43 -39.50 -3.39
CA LYS B 727 -6.07 -39.97 -3.50
C LYS B 727 -5.19 -38.81 -3.95
N ALA B 728 -3.91 -38.92 -3.60
CA ALA B 728 -2.94 -37.92 -3.99
C ALA B 728 -3.05 -37.66 -5.49
N GLY B 729 -3.05 -36.39 -5.88
CA GLY B 729 -3.13 -36.03 -7.27
C GLY B 729 -4.53 -35.73 -7.76
N GLU B 730 -5.57 -36.10 -7.02
CA GLU B 730 -6.92 -35.81 -7.45
C GLU B 730 -7.32 -34.38 -7.10
N GLU B 731 -8.15 -33.77 -7.95
CA GLU B 731 -8.57 -32.39 -7.71
C GLU B 731 -9.71 -32.35 -6.68
N LEU B 732 -9.72 -31.28 -5.87
CA LEU B 732 -10.74 -31.10 -4.85
C LEU B 732 -11.88 -30.25 -5.39
N PHE B 733 -13.10 -30.60 -4.98
CA PHE B 733 -14.29 -29.88 -5.37
C PHE B 733 -15.25 -29.87 -4.20
N PHE B 734 -16.04 -28.80 -4.12
CA PHE B 734 -17.21 -28.81 -3.26
C PHE B 734 -18.32 -28.09 -3.99
N ASN B 735 -19.55 -28.38 -3.58
CA ASN B 735 -20.74 -27.73 -4.13
C ASN B 735 -20.88 -26.35 -3.52
N TYR B 736 -20.69 -25.31 -4.33
CA TYR B 736 -20.79 -23.94 -3.82
C TYR B 736 -22.14 -23.67 -3.16
N GLY B 737 -23.20 -24.34 -3.63
CA GLY B 737 -24.50 -24.20 -2.99
C GLY B 737 -24.90 -22.74 -2.88
N ASP B 738 -25.35 -22.35 -1.69
CA ASP B 738 -25.73 -20.97 -1.42
C ASP B 738 -24.68 -20.21 -0.62
N ASN B 739 -23.46 -20.72 -0.53
CA ASN B 739 -22.43 -20.11 0.31
C ASN B 739 -21.94 -18.77 -0.23
N PHE B 740 -22.16 -18.48 -1.52
CA PHE B 740 -21.62 -17.30 -2.19
C PHE B 740 -22.77 -16.51 -2.80
N PRO B 741 -23.50 -15.73 -2.01
CA PRO B 741 -24.61 -14.96 -2.56
C PRO B 741 -24.13 -13.72 -3.31
N ASN B 742 -24.92 -13.31 -4.30
CA ASN B 742 -24.71 -12.03 -4.96
C ASN B 742 -25.41 -10.97 -4.10
N LEU B 743 -24.62 -10.18 -3.37
CA LEU B 743 -25.19 -9.28 -2.37
C LEU B 743 -25.90 -8.09 -3.01
N THR B 744 -25.40 -7.62 -4.17
CA THR B 744 -26.06 -6.51 -4.84
C THR B 744 -27.39 -6.95 -5.44
N LYS B 745 -27.43 -8.15 -6.03
CA LYS B 745 -28.67 -8.66 -6.61
C LYS B 745 -29.73 -8.92 -5.55
N LYS B 746 -29.34 -9.46 -4.38
CA LYS B 746 -30.29 -9.67 -3.29
C LYS B 746 -30.86 -8.34 -2.82
N LEU B 747 -30.02 -7.31 -2.75
CA LEU B 747 -30.45 -5.96 -2.46
C LEU B 747 -31.31 -5.41 -3.61
N PRO B 795 7.67 -38.52 3.30
CA PRO B 795 7.91 -37.12 2.90
C PRO B 795 6.89 -36.61 1.88
N LEU B 796 6.58 -35.32 1.93
CA LEU B 796 5.54 -34.76 1.07
C LEU B 796 6.10 -34.41 -0.30
N LEU B 797 5.40 -34.87 -1.35
CA LEU B 797 5.88 -34.82 -2.71
C LEU B 797 4.86 -34.18 -3.62
N VAL B 798 5.34 -33.47 -4.63
CA VAL B 798 4.48 -33.09 -5.76
C VAL B 798 3.92 -34.36 -6.39
N PRO B 799 2.61 -34.49 -6.51
CA PRO B 799 2.04 -35.73 -7.03
C PRO B 799 2.10 -35.72 -8.56
N LYS B 800 1.90 -36.90 -9.13
CA LYS B 800 1.79 -37.06 -10.57
C LYS B 800 0.36 -36.80 -11.00
N THR B 801 0.17 -35.88 -11.94
CA THR B 801 -1.15 -35.54 -12.44
C THR B 801 -1.03 -35.25 -13.93
N THR B 802 -2.16 -35.17 -14.59
CA THR B 802 -2.15 -34.66 -15.96
C THR B 802 -2.00 -33.13 -16.01
N GLN B 803 -2.51 -32.42 -15.00
CA GLN B 803 -2.52 -30.95 -14.98
C GLN B 803 -1.16 -30.40 -14.57
N PRO B 804 -0.74 -29.27 -15.14
CA PRO B 804 0.44 -28.58 -14.60
C PRO B 804 0.15 -28.06 -13.19
N LEU B 805 1.17 -28.11 -12.34
CA LEU B 805 1.09 -27.66 -10.95
C LEU B 805 2.10 -26.54 -10.75
N PHE B 806 1.81 -25.66 -9.79
CA PHE B 806 2.52 -24.40 -9.64
C PHE B 806 2.87 -24.12 -8.19
N ASP B 807 4.06 -23.55 -7.97
CA ASP B 807 4.33 -22.89 -6.70
C ASP B 807 3.40 -21.68 -6.58
N PRO B 808 2.70 -21.50 -5.47
CA PRO B 808 1.77 -20.35 -5.40
C PRO B 808 2.44 -18.97 -5.57
N LEU B 809 3.68 -18.78 -5.12
CA LEU B 809 4.33 -17.46 -5.19
C LEU B 809 5.18 -17.28 -6.45
N SER B 810 6.15 -18.16 -6.65
CA SER B 810 6.96 -18.02 -7.85
C SER B 810 6.18 -18.37 -9.11
N LYS B 811 5.02 -19.03 -8.98
CA LYS B 811 4.26 -19.57 -10.11
C LYS B 811 5.10 -20.49 -10.98
N VAL B 812 6.26 -20.93 -10.46
CA VAL B 812 7.08 -21.88 -11.18
C VAL B 812 6.37 -23.23 -11.24
N GLN B 813 6.51 -23.91 -12.37
CA GLN B 813 5.87 -25.20 -12.53
C GLN B 813 6.58 -26.26 -11.69
N LEU B 814 5.81 -27.04 -10.93
CA LEU B 814 6.35 -28.10 -10.09
C LEU B 814 6.49 -29.42 -10.86
N LEU B 815 7.49 -30.23 -10.46
CA LEU B 815 7.72 -31.49 -11.15
C LEU B 815 7.35 -32.68 -10.26
N PRO B 816 6.64 -33.67 -10.80
CA PRO B 816 6.25 -34.84 -10.00
C PRO B 816 7.42 -35.47 -9.27
N GLY B 817 7.19 -35.81 -7.99
CA GLY B 817 8.20 -36.46 -7.17
C GLY B 817 9.22 -35.55 -6.53
N GLN B 818 9.17 -34.25 -6.82
CA GLN B 818 9.96 -33.27 -6.08
C GLN B 818 9.33 -33.00 -4.72
N PRO B 819 10.12 -32.54 -3.75
CA PRO B 819 9.55 -32.15 -2.44
C PRO B 819 8.47 -31.10 -2.63
N LEU B 820 7.33 -31.33 -1.99
CA LEU B 820 6.25 -30.36 -2.05
C LEU B 820 6.71 -29.06 -1.40
N PRO B 821 6.64 -27.92 -2.08
CA PRO B 821 7.04 -26.65 -1.44
C PRO B 821 6.05 -26.27 -0.34
N GLN B 822 6.58 -25.96 0.84
CA GLN B 822 5.75 -25.45 1.93
C GLN B 822 6.43 -24.21 2.51
N HIS B 823 5.93 -23.09 2.15
CA HIS B 823 6.60 -21.86 2.54
C HIS B 823 6.04 -21.36 3.87
N PRO B 824 6.88 -21.02 4.84
CA PRO B 824 6.35 -20.45 6.10
C PRO B 824 5.58 -19.16 5.84
N ILE B 825 4.57 -18.93 6.67
CA ILE B 825 3.67 -17.80 6.45
C ILE B 825 4.37 -16.51 6.84
N ASP B 826 4.36 -15.55 5.94
CA ASP B 826 5.01 -14.27 6.13
C ASP B 826 3.97 -13.28 6.67
N ASP B 827 4.19 -12.81 7.90
CA ASP B 827 3.18 -11.99 8.58
C ASP B 827 3.69 -10.60 8.98
N SER B 828 4.91 -10.23 8.57
CA SER B 828 5.48 -8.97 9.04
C SER B 828 4.65 -7.77 8.56
N TRP B 829 4.11 -7.85 7.34
CA TRP B 829 3.23 -6.79 6.86
C TRP B 829 2.00 -6.65 7.75
N LEU B 830 1.54 -7.75 8.34
CA LEU B 830 0.36 -7.69 9.19
C LEU B 830 0.70 -7.18 10.58
N LEU B 831 1.85 -7.57 11.11
CA LEU B 831 2.33 -6.99 12.37
C LEU B 831 2.49 -5.48 12.25
N LEU B 832 3.02 -5.02 11.12
CA LEU B 832 3.27 -3.58 10.94
C LEU B 832 1.96 -2.80 11.00
N LYS B 833 0.92 -3.31 10.34
CA LYS B 833 -0.37 -2.64 10.35
C LYS B 833 -0.94 -2.53 11.77
N HIS B 834 -0.83 -3.62 12.56
CA HIS B 834 -1.36 -3.58 13.93
C HIS B 834 -0.55 -2.66 14.82
N ARG B 835 0.77 -2.61 14.60
CA ARG B 835 1.59 -1.65 15.33
C ARG B 835 1.21 -0.21 15.00
N ASP B 836 1.03 0.09 13.71
CA ASP B 836 0.68 1.44 13.29
C ASP B 836 -0.71 1.84 13.79
N ASN B 837 -1.66 0.90 13.76
CA ASN B 837 -2.97 1.14 14.36
C ASN B 837 -2.84 1.72 15.76
N LEU B 838 -1.97 1.12 16.59
CA LEU B 838 -1.83 1.65 17.95
C LEU B 838 -1.14 3.00 17.93
N GLN B 839 -0.15 3.18 17.03
CA GLN B 839 0.58 4.43 16.99
C GLN B 839 -0.33 5.61 16.69
N ASP B 840 -1.47 5.38 16.03
CA ASP B 840 -2.36 6.46 15.62
C ASP B 840 -3.38 6.87 16.67
N PHE B 841 -3.41 6.25 17.84
CA PHE B 841 -4.31 6.73 18.89
C PHE B 841 -3.76 8.03 19.47
N ILE B 842 -4.59 9.06 19.49
CA ILE B 842 -4.14 10.36 19.98
C ILE B 842 -4.06 10.39 21.51
N ASP B 843 -4.77 9.51 22.21
CA ASP B 843 -4.92 9.57 23.66
C ASP B 843 -4.10 8.53 24.40
N LEU B 844 -3.23 7.80 23.70
CA LEU B 844 -2.26 6.93 24.34
C LEU B 844 -0.92 7.66 24.43
N ARG B 845 -0.32 7.64 25.62
CA ARG B 845 1.00 8.22 25.80
C ARG B 845 2.05 7.38 25.08
N PRO B 846 3.22 7.95 24.78
CA PRO B 846 4.25 7.16 24.08
C PRO B 846 4.76 5.98 24.88
N GLU B 847 4.83 6.11 26.21
CA GLU B 847 5.25 4.99 27.07
C GLU B 847 4.20 3.89 27.07
N GLU B 848 2.92 4.24 26.87
CA GLU B 848 1.88 3.22 26.69
C GLU B 848 2.05 2.50 25.37
N LYS B 849 2.23 3.26 24.27
CA LYS B 849 2.32 2.67 22.95
C LYS B 849 3.51 1.73 22.87
N GLU B 850 4.66 2.16 23.39
CA GLU B 850 5.87 1.35 23.30
C GLU B 850 5.63 -0.04 23.89
N PHE B 851 4.99 -0.11 25.06
CA PHE B 851 4.79 -1.41 25.67
C PHE B 851 3.70 -2.20 24.96
N LEU B 852 2.54 -1.57 24.70
CA LEU B 852 1.45 -2.27 24.01
C LEU B 852 1.92 -2.83 22.68
N GLN B 853 2.78 -2.12 21.97
CA GLN B 853 3.27 -2.61 20.70
C GLN B 853 4.25 -3.77 20.87
N GLU B 854 5.06 -3.74 21.93
CA GLU B 854 5.98 -4.84 22.18
C GLU B 854 5.24 -6.11 22.55
N TRP B 855 4.27 -6.00 23.47
CA TRP B 855 3.46 -7.15 23.83
C TRP B 855 2.68 -7.68 22.64
N ASP B 856 2.04 -6.79 21.87
CA ASP B 856 1.23 -7.23 20.72
C ASP B 856 2.08 -7.92 19.66
N ALA B 857 3.23 -7.35 19.32
CA ALA B 857 4.08 -7.98 18.31
C ALA B 857 4.45 -9.40 18.72
N PHE B 858 4.56 -9.65 20.03
CA PHE B 858 4.87 -10.99 20.50
C PHE B 858 3.63 -11.89 20.44
N ILE B 859 2.52 -11.42 21.03
CA ILE B 859 1.37 -12.28 21.29
C ILE B 859 0.57 -12.54 20.03
N LEU B 860 0.59 -11.62 19.05
CA LEU B 860 -0.17 -11.83 17.82
C LEU B 860 0.40 -12.98 17.02
N ARG B 861 1.72 -13.16 17.03
CA ARG B 861 2.35 -14.28 16.34
C ARG B 861 2.00 -15.62 16.94
N ARG B 862 1.39 -15.66 18.14
CA ARG B 862 1.00 -16.92 18.74
C ARG B 862 -0.45 -17.31 18.45
N HIS B 863 -1.26 -16.41 17.89
CA HIS B 863 -2.63 -16.75 17.45
C HIS B 863 -3.41 -17.50 18.53
N ILE B 864 -3.44 -16.94 19.73
CA ILE B 864 -4.18 -17.56 20.84
C ILE B 864 -5.67 -17.41 20.62
N SER B 865 -6.42 -18.48 20.87
CA SER B 865 -7.85 -18.29 21.04
C SER B 865 -8.35 -18.90 22.33
N SER B 866 -7.50 -19.56 23.11
CA SER B 866 -7.88 -20.15 24.38
C SER B 866 -6.98 -19.65 25.50
N GLU B 867 -7.61 -19.26 26.62
CA GLU B 867 -6.82 -18.86 27.78
C GLU B 867 -5.99 -20.01 28.36
N GLN B 868 -6.24 -21.25 27.93
CA GLN B 868 -5.45 -22.38 28.39
C GLN B 868 -3.97 -22.22 28.08
N TYR B 869 -3.64 -21.47 27.02
CA TYR B 869 -2.27 -21.37 26.54
C TYR B 869 -1.61 -20.05 26.88
N LEU B 870 -2.35 -19.10 27.47
CA LEU B 870 -1.76 -17.80 27.76
C LEU B 870 -0.67 -17.85 28.82
N PRO B 871 -0.81 -18.56 29.96
CA PRO B 871 0.29 -18.56 30.96
C PRO B 871 1.64 -18.93 30.38
N ARG B 872 1.68 -19.94 29.50
CA ARG B 872 2.94 -20.33 28.85
C ARG B 872 3.48 -19.21 27.98
N TYR B 873 2.63 -18.57 27.17
CA TYR B 873 3.16 -17.52 26.32
C TYR B 873 3.56 -16.28 27.12
N PHE B 874 2.80 -15.98 28.18
CA PHE B 874 3.16 -14.90 29.08
C PHE B 874 4.54 -15.14 29.70
N LEU B 875 4.83 -16.36 30.17
CA LEU B 875 6.14 -16.63 30.77
C LEU B 875 7.26 -16.51 29.74
N ARG B 876 7.05 -17.02 28.53
CA ARG B 876 8.01 -16.83 27.45
C ARG B 876 8.27 -15.34 27.18
N PHE B 877 7.24 -14.51 27.25
CA PHE B 877 7.41 -13.09 26.96
C PHE B 877 8.28 -12.43 28.03
N VAL B 878 8.00 -12.73 29.30
CA VAL B 878 8.74 -12.13 30.39
C VAL B 878 10.21 -12.55 30.34
N ARG B 879 10.47 -13.80 29.92
CA ARG B 879 11.84 -14.27 29.86
C ARG B 879 12.59 -13.63 28.69
N GLU B 880 11.95 -13.55 27.52
CA GLU B 880 12.61 -12.97 26.36
C GLU B 880 12.83 -11.46 26.51
N LYS B 881 11.90 -10.76 27.17
CA LYS B 881 11.89 -9.31 27.24
C LYS B 881 12.39 -8.78 28.58
N ALA B 882 12.84 -9.65 29.47
CA ALA B 882 13.17 -9.25 30.84
C ALA B 882 14.19 -8.12 30.87
N ASP B 883 15.24 -8.22 30.04
CA ASP B 883 16.26 -7.17 29.98
C ASP B 883 15.65 -5.87 29.50
N TRP B 884 14.92 -5.93 28.39
CA TRP B 884 14.17 -4.78 27.89
C TRP B 884 13.25 -4.19 28.95
N LEU B 885 12.51 -5.04 29.67
CA LEU B 885 11.52 -4.57 30.64
C LEU B 885 12.17 -3.81 31.79
N VAL B 886 13.32 -4.27 32.29
CA VAL B 886 13.92 -3.59 33.45
C VAL B 886 14.81 -2.44 33.03
N SER B 887 15.06 -2.26 31.73
CA SER B 887 15.94 -1.19 31.26
C SER B 887 15.30 0.19 31.36
N LYS B 888 13.98 0.27 31.50
CA LYS B 888 13.30 1.56 31.42
C LYS B 888 12.09 1.49 32.33
N ARG B 889 11.96 2.49 33.22
CA ARG B 889 10.97 2.43 34.28
C ARG B 889 9.54 2.34 33.74
N SER B 890 9.24 3.10 32.69
CA SER B 890 7.88 3.08 32.15
C SER B 890 7.47 1.70 31.62
N ARG B 891 8.44 0.91 31.14
CA ARG B 891 8.09 -0.40 30.61
C ARG B 891 7.67 -1.36 31.71
N GLY B 892 8.35 -1.31 32.86
CA GLY B 892 7.89 -2.09 33.99
C GLY B 892 6.52 -1.66 34.48
N GLU B 893 6.30 -0.35 34.57
CA GLU B 893 5.01 0.15 35.03
C GLU B 893 3.88 -0.29 34.10
N GLU B 894 4.12 -0.26 32.78
CA GLU B 894 3.08 -0.67 31.83
C GLU B 894 2.87 -2.19 31.88
N PHE B 895 3.97 -2.95 31.96
CA PHE B 895 3.86 -4.39 32.13
C PHE B 895 3.02 -4.75 33.37
N SER B 896 3.18 -4.00 34.47
CA SER B 896 2.42 -4.30 35.68
C SER B 896 0.94 -4.01 35.51
N LYS B 897 0.57 -3.06 34.65
CA LYS B 897 -0.85 -2.82 34.39
C LYS B 897 -1.47 -3.95 33.58
N LEU B 898 -0.72 -4.49 32.60
CA LEU B 898 -1.19 -5.68 31.90
C LEU B 898 -1.41 -6.82 32.87
N VAL B 899 -0.41 -7.08 33.73
CA VAL B 899 -0.50 -8.14 34.71
C VAL B 899 -1.70 -7.90 35.63
N ALA B 900 -1.89 -6.66 36.08
CA ALA B 900 -3.01 -6.37 36.96
C ALA B 900 -4.34 -6.64 36.27
N THR B 901 -4.42 -6.36 34.97
CA THR B 901 -5.66 -6.53 34.23
C THR B 901 -5.97 -8.01 34.00
N LEU B 902 -4.93 -8.82 33.73
CA LEU B 902 -5.16 -10.25 33.55
C LEU B 902 -5.38 -10.97 34.87
N LEU B 903 -4.78 -10.50 35.98
CA LEU B 903 -5.13 -11.04 37.29
C LEU B 903 -6.59 -10.75 37.64
N ALA B 904 -7.07 -9.55 37.29
CA ALA B 904 -8.45 -9.21 37.59
C ALA B 904 -9.43 -10.10 36.83
N ARG B 905 -9.08 -10.51 35.63
CA ARG B 905 -9.86 -11.44 34.82
C ARG B 905 -9.74 -12.90 35.30
N ARG B 906 -8.94 -13.17 36.33
CA ARG B 906 -8.65 -14.54 36.76
C ARG B 906 -8.18 -15.41 35.60
N VAL B 907 -7.48 -14.80 34.65
CA VAL B 907 -6.97 -15.54 33.50
C VAL B 907 -5.47 -15.79 33.60
N LEU B 908 -4.80 -15.21 34.59
CA LEU B 908 -3.36 -15.38 34.79
C LEU B 908 -3.14 -16.04 36.14
N PRO B 909 -2.73 -17.31 36.18
CA PRO B 909 -2.54 -17.98 37.48
C PRO B 909 -1.52 -17.25 38.32
N GLU B 910 -1.76 -17.24 39.63
CA GLU B 910 -0.81 -16.62 40.57
C GLU B 910 0.59 -17.19 40.41
N ARG B 911 0.69 -18.48 40.08
CA ARG B 911 1.98 -19.14 39.92
C ARG B 911 2.91 -18.37 38.98
N VAL B 912 2.38 -17.81 37.89
CA VAL B 912 3.28 -17.18 36.91
C VAL B 912 3.65 -15.77 37.31
N VAL B 913 2.84 -15.12 38.16
CA VAL B 913 3.23 -13.83 38.70
C VAL B 913 4.41 -14.00 39.67
N ILE B 914 4.46 -15.12 40.38
CA ILE B 914 5.59 -15.40 41.25
C ILE B 914 6.85 -15.63 40.41
N GLU B 915 6.75 -16.47 39.38
CA GLU B 915 7.94 -16.74 38.57
C GLU B 915 8.41 -15.47 37.86
N ALA B 916 7.49 -14.68 37.32
CA ALA B 916 7.89 -13.44 36.66
C ALA B 916 8.56 -12.48 37.63
N THR B 917 8.24 -12.59 38.93
CA THR B 917 8.94 -11.83 39.94
C THR B 917 10.41 -12.22 40.01
N GLN B 918 10.68 -13.52 39.98
CA GLN B 918 12.07 -14.00 39.96
C GLN B 918 12.78 -13.55 38.69
N VAL B 919 12.09 -13.61 37.56
CA VAL B 919 12.74 -13.35 36.28
C VAL B 919 13.16 -11.89 36.18
N LEU B 920 12.32 -10.98 36.67
CA LEU B 920 12.64 -9.55 36.59
C LEU B 920 13.76 -9.21 37.56
N ASN B 921 13.71 -9.74 38.78
CA ASN B 921 14.77 -9.46 39.75
C ASN B 921 16.11 -10.01 39.26
N ASP B 922 16.09 -11.15 38.59
CA ASP B 922 17.32 -11.67 37.98
C ASP B 922 17.87 -10.68 36.98
N ALA B 923 17.04 -10.21 36.06
CA ALA B 923 17.51 -9.33 34.99
C ALA B 923 18.02 -8.02 35.55
N ARG B 924 17.36 -7.49 36.59
CA ARG B 924 17.85 -6.29 37.25
C ARG B 924 19.24 -6.53 37.83
N GLY B 925 19.41 -7.61 38.60
CA GLY B 925 20.73 -7.93 39.13
C GLY B 925 21.78 -8.14 38.05
N ARG B 926 21.40 -8.80 36.95
CA ARG B 926 22.34 -8.94 35.84
C ARG B 926 22.67 -7.59 35.21
N LEU B 927 21.75 -6.62 35.26
CA LEU B 927 22.04 -5.31 34.68
C LEU B 927 22.95 -4.49 35.57
N ARG B 928 23.00 -4.83 36.84
CA ARG B 928 23.71 -3.99 37.79
C ARG B 928 25.07 -3.74 37.21
N GLU B 929 25.57 -4.70 36.46
CA GLU B 929 26.88 -4.49 35.85
C GLU B 929 27.18 -3.00 35.87
N ALA C 3 -15.87 8.98 -21.90
CA ALA C 3 -15.16 7.75 -21.54
C ALA C 3 -13.77 7.72 -22.17
N ALA C 4 -12.80 7.18 -21.43
CA ALA C 4 -11.43 7.07 -21.92
C ALA C 4 -11.33 6.02 -23.04
N ARG C 5 -10.47 6.30 -24.01
CA ARG C 5 -10.25 5.37 -25.14
C ARG C 5 -8.77 5.05 -25.39
N M3L C 6 -8.45 3.74 -25.54
CA M3L C 6 -7.08 3.29 -25.72
CB M3L C 6 -6.81 1.91 -25.10
CG M3L C 6 -5.33 1.58 -25.13
CD M3L C 6 -5.05 0.33 -24.31
CE M3L C 6 -3.68 -0.22 -24.66
NZ M3L C 6 -3.06 -1.21 -23.68
C M3L C 6 -6.59 3.20 -27.16
O M3L C 6 -5.48 3.62 -27.52
CM1 M3L C 6 -2.87 -0.60 -22.31
CM2 M3L C 6 -1.76 -1.71 -24.20
CM3 M3L C 6 -3.99 -2.38 -23.52
N SER C 7 -7.49 2.59 -28.06
CA SER C 7 -7.15 2.38 -29.48
C SER C 7 -7.21 3.72 -30.23
N ALA C 8 -6.73 3.74 -31.47
CA ALA C 8 -6.75 4.98 -32.23
C ALA C 8 -8.18 5.31 -32.69
N PRO C 9 -8.53 6.61 -32.82
CA PRO C 9 -9.90 6.98 -33.20
C PRO C 9 -10.23 6.67 -34.66
ZN ZN D . -15.87 -31.01 23.71
ZN ZN E . -13.18 -33.30 22.33
ZN ZN F . -16.66 -34.61 22.88
ZN ZN G . -26.90 -13.89 31.57
ZN ZN H . -25.61 -17.45 32.32
ZN ZN I . -24.68 -15.42 29.12
ZN ZN J . -8.15 -10.52 19.49
ZN ZN K . 9.66 -10.08 48.71
C18 A97 L . -10.76 -13.42 -13.36
C29 A97 L . -11.50 -9.30 -18.52
C19 A97 L . -10.94 -13.80 -14.83
C25 A97 L . -11.99 -12.05 -19.63
C16 A97 L . -9.67 -13.84 -11.13
C28 A97 L . -11.51 -8.44 -20.72
C14 A97 L . -8.75 -14.76 -10.38
C17 A97 L . -9.91 -14.15 -12.47
C12 A97 L . -7.81 -17.17 -10.11
C21 A97 L . -10.89 -15.39 -16.71
C20 A97 L . -10.73 -15.10 -15.32
C26 A97 L . -11.39 -10.83 -20.40
C23 A97 L . -11.42 -13.15 -17.23
C01 A97 L . -9.34 -15.09 -5.39
C02 A97 L . -9.71 -16.43 -6.07
C03 A97 L . -8.92 -16.83 -7.32
C04 A97 L . -9.31 -18.08 -8.21
C05 A97 L . -10.21 -19.10 -7.71
C06 A97 L . -10.55 -20.26 -8.51
C07 A97 L . -11.50 -21.38 -8.03
C09 A97 L . -9.17 -19.40 -10.22
C11 A97 L . -8.75 -18.24 -9.51
C30 A97 L . -11.23 -10.58 -17.65
C31 A97 L . -11.27 -12.85 -15.84
C32 A97 L . -11.39 -12.28 -12.81
C33 A97 L . -11.18 -11.90 -11.42
C34 A97 L . -10.33 -12.68 -10.59
C35 A97 L . -10.40 -11.99 -9.29
C38 A97 L . -12.64 -9.68 -10.93
C39 A97 L . -11.85 -8.36 -10.70
C40 A97 L . -13.93 -9.69 -10.05
N08 A97 L . -10.02 -20.38 -9.77
N13 A97 L . -8.59 -16.11 -10.70
N22 A97 L . -11.23 -14.43 -17.65
N24 A97 L . -11.80 -11.95 -18.10
N27 A97 L . -11.98 -9.56 -19.88
N36 A97 L . -11.22 -10.90 -9.36
N37 A97 L . -11.72 -10.81 -10.63
O10 A97 L . -8.66 -19.55 -11.48
O15 A97 L . -8.08 -14.25 -9.41
#